data_8C49
#
_entry.id   8C49
#
_cell.length_a   59.932
_cell.length_b   59.932
_cell.length_c   263.231
_cell.angle_alpha   90.000
_cell.angle_beta   90.000
_cell.angle_gamma   120.000
#
_symmetry.space_group_name_H-M   'P 61'
#
loop_
_entity.id
_entity.type
_entity.pdbx_description
1 polymer 'Pyrrolysyl-tRNA synthetase'
2 non-polymer 'PHOSPHOAMINOPHOSPHONIC ACID-ADENYLATE ESTER'
3 non-polymer DI(HYDROXYETHYL)ETHER
4 non-polymer 'TRIETHYLENE GLYCOL'
5 non-polymer 1,2-ETHANEDIOL
6 non-polymer 'MAGNESIUM ION'
7 water water
#
_entity_poly.entity_id   1
_entity_poly.type   'polypeptide(L)'
_entity_poly.pdbx_seq_one_letter_code
;MTVKYTDAQIQRLREYGNGTYEQKVFEDLASRDAAFSKEMSVASTDNEKKIKGMIANPSRHGLTQLMNDIADALVAEGFI
EVRTPIFISKDALARMTITEDKPLFKQVFWIDEKRALRPMLAPNIFSVGRDLRDHTDGPVKIFEMGSCFRKESHSGMHLE
EFTMLNLFDMGPRGDATEVLKNYISVVMKAAGLPDYDLVQEESDVFKETIDVEINGQEVCSAAVGPHYLDAAHDVHEPWS
GAGFGLERLLTIREKYSTVKKGGASISYLNGAKINLEHHHHHH
;
_entity_poly.pdbx_strand_id   A,B
#
loop_
_chem_comp.id
_chem_comp.type
_chem_comp.name
_chem_comp.formula
ANP non-polymer 'PHOSPHOAMINOPHOSPHONIC ACID-ADENYLATE ESTER' 'C10 H17 N6 O12 P3'
EDO non-polymer 1,2-ETHANEDIOL 'C2 H6 O2'
MG non-polymer 'MAGNESIUM ION' 'Mg 2'
PEG non-polymer DI(HYDROXYETHYL)ETHER 'C4 H10 O3'
PGE non-polymer 'TRIETHYLENE GLYCOL' 'C6 H14 O4'
#
# COMPACT_ATOMS: atom_id res chain seq x y z
N VAL A 3 -18.57 -40.66 6.70
CA VAL A 3 -19.09 -39.30 6.69
C VAL A 3 -17.95 -38.29 6.85
N LYS A 4 -18.09 -37.14 6.20
CA LYS A 4 -17.12 -36.07 6.24
C LYS A 4 -17.81 -34.79 6.73
N TYR A 5 -16.99 -33.76 6.98
CA TYR A 5 -17.54 -32.45 7.30
C TYR A 5 -18.34 -31.90 6.13
N THR A 6 -19.38 -31.15 6.43
CA THR A 6 -20.13 -30.49 5.39
C THR A 6 -19.33 -29.34 4.79
N ASP A 7 -19.72 -28.92 3.58
CA ASP A 7 -19.08 -27.77 2.97
C ASP A 7 -19.16 -26.54 3.85
N ALA A 8 -20.23 -26.42 4.65
CA ALA A 8 -20.36 -25.28 5.55
C ALA A 8 -19.46 -25.46 6.78
N GLN A 9 -19.49 -26.65 7.38
CA GLN A 9 -18.61 -26.93 8.51
C GLN A 9 -17.17 -26.61 8.17
N ILE A 10 -16.72 -27.02 6.98
CA ILE A 10 -15.37 -26.70 6.53
C ILE A 10 -15.15 -25.19 6.55
N GLN A 11 -16.04 -24.45 5.90
CA GLN A 11 -15.91 -23.00 5.84
C GLN A 11 -15.76 -22.41 7.23
N ARG A 12 -16.61 -22.85 8.17
CA ARG A 12 -16.57 -22.28 9.52
C ARG A 12 -15.27 -22.64 10.23
N LEU A 13 -14.88 -23.92 10.19
CA LEU A 13 -13.60 -24.31 10.76
C LEU A 13 -12.45 -23.50 10.16
N ARG A 14 -12.49 -23.30 8.84
CA ARG A 14 -11.41 -22.58 8.17
C ARG A 14 -11.36 -21.11 8.61
N GLU A 15 -12.51 -20.55 8.98
CA GLU A 15 -12.57 -19.12 9.28
C GLU A 15 -12.07 -18.81 10.69
N TYR A 16 -12.05 -19.78 11.60
CA TYR A 16 -11.42 -19.62 12.89
C TYR A 16 -10.11 -20.39 13.05
N GLY A 17 -9.87 -21.42 12.25
CA GLY A 17 -8.72 -22.27 12.42
C GLY A 17 -7.93 -22.42 11.13
N ASN A 18 -6.68 -22.86 11.28
CA ASN A 18 -5.78 -23.07 10.17
C ASN A 18 -5.32 -24.52 10.06
N GLY A 19 -6.08 -25.44 10.63
CA GLY A 19 -5.79 -26.85 10.43
C GLY A 19 -6.18 -27.29 9.03
N THR A 20 -6.31 -28.60 8.83
CA THR A 20 -6.78 -29.15 7.57
C THR A 20 -7.94 -30.09 7.87
N TYR A 21 -9.14 -29.70 7.46
CA TYR A 21 -10.36 -30.37 7.87
C TYR A 21 -11.04 -31.13 6.75
N GLU A 22 -10.76 -30.81 5.48
CA GLU A 22 -11.43 -31.45 4.36
C GLU A 22 -11.12 -32.94 4.27
N GLN A 23 -10.01 -33.39 4.84
CA GLN A 23 -9.64 -34.80 4.74
C GLN A 23 -10.19 -35.66 5.88
N LYS A 24 -10.65 -35.04 6.97
CA LYS A 24 -11.16 -35.80 8.10
C LYS A 24 -12.35 -36.65 7.69
N VAL A 25 -12.39 -37.88 8.20
CA VAL A 25 -13.52 -38.77 8.01
C VAL A 25 -14.00 -39.22 9.38
N PHE A 26 -15.25 -39.67 9.44
CA PHE A 26 -15.90 -39.99 10.70
C PHE A 26 -16.81 -41.19 10.54
N GLU A 27 -16.97 -41.94 11.64
CA GLU A 27 -17.76 -43.17 11.60
C GLU A 27 -19.24 -42.88 11.38
N ASP A 28 -19.74 -41.77 11.92
CA ASP A 28 -21.17 -41.45 11.84
C ASP A 28 -21.36 -39.97 12.09
N LEU A 29 -22.61 -39.51 11.98
CA LEU A 29 -22.91 -38.09 12.11
C LEU A 29 -22.63 -37.61 13.53
N ALA A 30 -22.93 -38.44 14.53
CA ALA A 30 -22.64 -38.07 15.91
C ALA A 30 -21.14 -37.86 16.11
N SER A 31 -20.34 -38.81 15.63
CA SER A 31 -18.88 -38.67 15.75
C SER A 31 -18.37 -37.46 15.00
N ARG A 32 -18.95 -37.17 13.83
CA ARG A 32 -18.59 -35.94 13.12
C ARG A 32 -18.88 -34.72 13.95
N ASP A 33 -20.11 -34.63 14.49
CA ASP A 33 -20.55 -33.41 15.15
C ASP A 33 -19.72 -33.11 16.38
N ALA A 34 -19.44 -34.13 17.20
CA ALA A 34 -18.57 -33.94 18.34
C ALA A 34 -17.19 -33.44 17.89
N ALA A 35 -16.70 -33.95 16.77
CA ALA A 35 -15.40 -33.53 16.27
C ALA A 35 -15.42 -32.09 15.78
N PHE A 36 -16.59 -31.60 15.33
CA PHE A 36 -16.68 -30.21 14.90
C PHE A 36 -16.47 -29.26 16.07
N SER A 37 -16.96 -29.64 17.26
CA SER A 37 -16.84 -28.75 18.40
C SER A 37 -15.42 -28.74 18.95
N LYS A 38 -14.80 -29.91 19.08
CA LYS A 38 -13.44 -29.96 19.61
C LYS A 38 -12.48 -29.19 18.71
N GLU A 39 -12.61 -29.34 17.39
CA GLU A 39 -11.74 -28.58 16.48
C GLU A 39 -12.02 -27.09 16.57
N MET A 40 -13.26 -26.71 16.87
CA MET A 40 -13.55 -25.30 17.12
C MET A 40 -12.83 -24.81 18.36
N SER A 41 -12.77 -25.65 19.41
CA SER A 41 -12.10 -25.26 20.64
C SER A 41 -10.59 -25.23 20.45
N VAL A 42 -10.03 -26.23 19.77
CA VAL A 42 -8.60 -26.23 19.46
C VAL A 42 -8.25 -24.98 18.67
N ALA A 43 -9.11 -24.58 17.73
CA ALA A 43 -8.83 -23.41 16.91
C ALA A 43 -8.90 -22.13 17.72
N SER A 44 -9.98 -21.96 18.49
CA SER A 44 -10.11 -20.75 19.32
C SER A 44 -8.92 -20.60 20.26
N THR A 45 -8.49 -21.71 20.88
CA THR A 45 -7.36 -21.66 21.78
C THR A 45 -6.10 -21.22 21.04
N ASP A 46 -5.89 -21.75 19.83
CA ASP A 46 -4.69 -21.39 19.07
C ASP A 46 -4.75 -19.93 18.61
N ASN A 47 -5.94 -19.45 18.23
CA ASN A 47 -6.09 -18.03 17.94
C ASN A 47 -5.60 -17.21 19.12
N GLU A 48 -6.12 -17.48 20.31
CA GLU A 48 -5.74 -16.71 21.49
CA GLU A 48 -5.74 -16.71 21.49
C GLU A 48 -4.24 -16.75 21.71
N LYS A 49 -3.64 -17.93 21.63
CA LYS A 49 -2.19 -18.03 21.80
C LYS A 49 -1.45 -17.17 20.78
N LYS A 50 -2.00 -17.05 19.57
CA LYS A 50 -1.32 -16.27 18.55
C LYS A 50 -1.43 -14.77 18.83
N ILE A 51 -2.62 -14.27 19.16
CA ILE A 51 -2.75 -12.87 19.56
C ILE A 51 -1.83 -12.57 20.73
N LYS A 52 -1.93 -13.38 21.79
CA LYS A 52 -1.10 -13.17 22.97
C LYS A 52 0.39 -13.21 22.59
N GLY A 53 0.77 -14.14 21.73
CA GLY A 53 2.15 -14.19 21.28
C GLY A 53 2.57 -12.96 20.51
N MET A 54 1.65 -12.39 19.73
CA MET A 54 1.96 -11.17 18.98
C MET A 54 2.13 -9.98 19.92
N ILE A 55 1.30 -9.90 20.96
CA ILE A 55 1.37 -8.78 21.88
C ILE A 55 2.67 -8.83 22.67
N ALA A 56 3.11 -10.04 23.05
CA ALA A 56 4.35 -10.19 23.80
C ALA A 56 5.58 -10.15 22.90
N ASN A 57 5.41 -10.32 21.59
CA ASN A 57 6.53 -10.31 20.64
C ASN A 57 6.12 -9.51 19.41
N PRO A 58 5.88 -8.20 19.57
CA PRO A 58 5.41 -7.39 18.45
C PRO A 58 6.42 -7.39 17.31
N SER A 59 5.91 -7.33 16.09
CA SER A 59 6.75 -7.46 14.91
C SER A 59 6.11 -6.73 13.74
N ARG A 60 6.89 -6.59 12.67
CA ARG A 60 6.31 -6.17 11.40
C ARG A 60 5.26 -7.18 10.96
N HIS A 61 4.34 -6.71 10.13
CA HIS A 61 3.26 -7.55 9.62
C HIS A 61 3.81 -8.63 8.71
N GLY A 62 3.22 -9.82 8.78
CA GLY A 62 3.72 -10.93 7.98
C GLY A 62 3.76 -10.62 6.50
N LEU A 63 2.71 -9.98 5.98
CA LEU A 63 2.72 -9.59 4.57
C LEU A 63 3.81 -8.56 4.30
N THR A 64 4.06 -7.66 5.26
CA THR A 64 5.11 -6.67 5.08
C THR A 64 6.49 -7.31 5.07
N GLN A 65 6.72 -8.29 5.94
CA GLN A 65 8.00 -8.98 5.94
C GLN A 65 8.24 -9.71 4.62
N LEU A 66 7.20 -10.37 4.09
CA LEU A 66 7.34 -11.02 2.80
C LEU A 66 7.65 -10.02 1.70
N MET A 67 6.98 -8.87 1.71
CA MET A 67 7.25 -7.84 0.71
C MET A 67 8.69 -7.37 0.79
N ASN A 68 9.18 -7.10 2.01
CA ASN A 68 10.56 -6.65 2.17
C ASN A 68 11.55 -7.72 1.72
N ASP A 69 11.24 -8.99 1.96
CA ASP A 69 12.15 -10.06 1.56
C ASP A 69 12.28 -10.11 0.04
N ILE A 70 11.16 -10.12 -0.68
CA ILE A 70 11.22 -10.17 -2.13
C ILE A 70 11.79 -8.88 -2.69
N ALA A 71 11.37 -7.73 -2.14
CA ALA A 71 11.81 -6.45 -2.66
C ALA A 71 13.32 -6.32 -2.63
N ASP A 72 13.93 -6.67 -1.50
CA ASP A 72 15.38 -6.56 -1.40
C ASP A 72 16.08 -7.54 -2.34
N ALA A 73 15.48 -8.70 -2.59
CA ALA A 73 16.05 -9.64 -3.55
C ALA A 73 16.02 -9.08 -4.97
N LEU A 74 14.91 -8.41 -5.34
CA LEU A 74 14.81 -7.86 -6.69
C LEU A 74 15.75 -6.67 -6.85
N VAL A 75 15.86 -5.82 -5.83
CA VAL A 75 16.83 -4.72 -5.89
C VAL A 75 18.24 -5.28 -6.06
N ALA A 76 18.52 -6.42 -5.41
CA ALA A 76 19.83 -7.04 -5.55
C ALA A 76 20.09 -7.56 -6.95
N GLU A 77 19.04 -7.83 -7.73
CA GLU A 77 19.18 -8.23 -9.12
C GLU A 77 19.15 -7.05 -10.08
N GLY A 78 19.01 -5.83 -9.58
CA GLY A 78 19.06 -4.65 -10.41
C GLY A 78 17.74 -3.99 -10.71
N PHE A 79 16.68 -4.32 -9.97
CA PHE A 79 15.37 -3.73 -10.20
C PHE A 79 15.19 -2.49 -9.35
N ILE A 80 14.63 -1.44 -9.97
CA ILE A 80 14.24 -0.23 -9.25
C ILE A 80 12.83 -0.41 -8.71
N GLU A 81 12.66 -0.16 -7.41
CA GLU A 81 11.31 -0.14 -6.85
C GLU A 81 10.62 1.15 -7.25
N VAL A 82 9.40 1.03 -7.77
CA VAL A 82 8.58 2.18 -8.09
C VAL A 82 7.26 2.04 -7.35
N ARG A 83 6.61 3.18 -7.12
CA ARG A 83 5.26 3.24 -6.55
C ARG A 83 4.41 4.06 -7.49
N THR A 84 3.25 3.53 -7.87
CA THR A 84 2.37 4.18 -8.81
C THR A 84 0.98 4.34 -8.20
N PRO A 85 0.17 5.27 -8.72
CA PRO A 85 -1.12 5.56 -8.08
C PRO A 85 -2.06 4.36 -8.16
N ILE A 86 -2.95 4.29 -7.18
CA ILE A 86 -3.98 3.25 -7.17
C ILE A 86 -5.07 3.58 -8.19
N PHE A 87 -5.33 4.86 -8.46
CA PHE A 87 -6.24 5.26 -9.50
C PHE A 87 -5.60 5.08 -10.87
N ILE A 88 -6.39 4.58 -11.83
CA ILE A 88 -5.97 4.55 -13.23
C ILE A 88 -7.15 4.98 -14.09
N SER A 89 -6.83 5.48 -15.28
CA SER A 89 -7.83 6.05 -16.17
C SER A 89 -8.52 4.95 -16.98
N LYS A 90 -9.75 5.26 -17.41
CA LYS A 90 -10.45 4.38 -18.34
C LYS A 90 -9.62 4.13 -19.58
N ASP A 91 -8.89 5.15 -20.04
CA ASP A 91 -8.03 4.98 -21.21
C ASP A 91 -6.95 3.94 -20.94
N ALA A 92 -6.27 4.03 -19.80
CA ALA A 92 -5.23 3.08 -19.47
C ALA A 92 -5.77 1.65 -19.48
N LEU A 93 -6.95 1.44 -18.89
CA LEU A 93 -7.58 0.13 -18.94
C LEU A 93 -7.82 -0.31 -20.38
N ALA A 94 -8.30 0.59 -21.23
CA ALA A 94 -8.56 0.24 -22.62
C ALA A 94 -7.29 -0.18 -23.34
N ARG A 95 -6.18 0.51 -23.06
CA ARG A 95 -4.90 0.14 -23.68
C ARG A 95 -4.39 -1.21 -23.20
N MET A 96 -4.91 -1.72 -22.08
CA MET A 96 -4.73 -3.12 -21.69
C MET A 96 -5.78 -4.03 -22.30
N THR A 97 -6.64 -3.50 -23.18
CA THR A 97 -7.79 -4.21 -23.72
C THR A 97 -8.79 -4.61 -22.64
N ILE A 98 -8.78 -3.93 -21.49
CA ILE A 98 -9.76 -4.18 -20.43
C ILE A 98 -10.95 -3.29 -20.75
N THR A 99 -11.88 -3.84 -21.54
CA THR A 99 -13.02 -3.09 -22.07
C THR A 99 -14.31 -3.83 -21.74
N GLU A 100 -15.42 -3.21 -22.14
CA GLU A 100 -16.75 -3.66 -21.72
C GLU A 100 -16.98 -5.14 -21.95
N ASP A 101 -16.37 -5.73 -22.98
CA ASP A 101 -16.61 -7.12 -23.31
CA ASP A 101 -16.61 -7.12 -23.31
C ASP A 101 -15.78 -8.10 -22.49
N LYS A 102 -14.78 -7.62 -21.75
CA LYS A 102 -13.95 -8.58 -21.04
C LYS A 102 -14.51 -8.84 -19.64
N PRO A 103 -14.47 -10.09 -19.16
CA PRO A 103 -14.97 -10.35 -17.80
C PRO A 103 -14.24 -9.55 -16.73
N LEU A 104 -12.92 -9.35 -16.89
CA LEU A 104 -12.19 -8.55 -15.92
C LEU A 104 -12.75 -7.14 -15.81
N PHE A 105 -13.24 -6.58 -16.92
CA PHE A 105 -13.84 -5.25 -16.88
C PHE A 105 -14.98 -5.19 -15.89
N LYS A 106 -15.80 -6.23 -15.82
CA LYS A 106 -16.92 -6.25 -14.89
C LYS A 106 -16.48 -6.37 -13.43
N GLN A 107 -15.20 -6.66 -13.18
CA GLN A 107 -14.67 -6.69 -11.83
C GLN A 107 -14.08 -5.36 -11.40
N VAL A 108 -14.12 -4.34 -12.24
CA VAL A 108 -13.43 -3.09 -11.97
C VAL A 108 -14.27 -2.23 -11.03
N PHE A 109 -13.64 -1.71 -9.98
CA PHE A 109 -14.26 -0.71 -9.11
C PHE A 109 -14.07 0.66 -9.73
N TRP A 110 -15.17 1.32 -10.07
CA TRP A 110 -15.10 2.65 -10.66
C TRP A 110 -15.22 3.72 -9.58
N ILE A 111 -14.40 4.75 -9.71
CA ILE A 111 -14.39 5.89 -8.81
C ILE A 111 -15.24 7.03 -9.35
N ASP A 112 -15.14 7.27 -10.65
CA ASP A 112 -16.05 8.13 -11.40
C ASP A 112 -16.17 7.54 -12.79
N GLU A 113 -16.67 8.33 -13.75
CA GLU A 113 -16.87 7.79 -15.08
C GLU A 113 -15.55 7.65 -15.84
N LYS A 114 -14.49 8.32 -15.39
CA LYS A 114 -13.20 8.28 -16.08
C LYS A 114 -12.13 7.50 -15.33
N ARG A 115 -12.33 7.16 -14.07
CA ARG A 115 -11.27 6.64 -13.22
C ARG A 115 -11.74 5.43 -12.44
N ALA A 116 -10.82 4.49 -12.22
CA ALA A 116 -11.10 3.25 -11.52
C ALA A 116 -9.96 2.92 -10.58
N LEU A 117 -10.25 2.05 -9.62
CA LEU A 117 -9.19 1.40 -8.85
C LEU A 117 -8.50 0.39 -9.75
N ARG A 118 -7.18 0.43 -9.78
CA ARG A 118 -6.43 -0.46 -10.65
C ARG A 118 -6.72 -1.91 -10.30
N PRO A 119 -7.12 -2.74 -11.27
CA PRO A 119 -7.23 -4.19 -11.01
C PRO A 119 -5.91 -4.92 -11.18
N MET A 120 -4.87 -4.23 -11.61
CA MET A 120 -3.55 -4.79 -11.80
C MET A 120 -2.57 -3.64 -11.91
N LEU A 121 -1.28 -3.95 -11.70
CA LEU A 121 -0.24 -2.94 -11.77
C LEU A 121 0.30 -2.74 -13.18
N ALA A 122 0.07 -3.69 -14.08
CA ALA A 122 0.68 -3.66 -15.41
C ALA A 122 0.51 -2.32 -16.13
N PRO A 123 -0.68 -1.72 -16.19
CA PRO A 123 -0.80 -0.43 -16.92
C PRO A 123 0.19 0.62 -16.46
N ASN A 124 0.33 0.80 -15.14
CA ASN A 124 1.25 1.80 -14.63
C ASN A 124 2.70 1.40 -14.85
N ILE A 125 3.00 0.10 -14.78
CA ILE A 125 4.37 -0.35 -14.92
C ILE A 125 4.84 -0.18 -16.37
N PHE A 126 3.98 -0.51 -17.34
CA PHE A 126 4.31 -0.22 -18.74
C PHE A 126 4.66 1.25 -18.93
N SER A 127 3.86 2.14 -18.33
CA SER A 127 4.08 3.57 -18.51
C SER A 127 5.42 4.00 -17.95
N VAL A 128 5.70 3.64 -16.69
CA VAL A 128 6.95 4.07 -16.06
C VAL A 128 8.15 3.43 -16.74
N GLY A 129 8.06 2.14 -17.07
CA GLY A 129 9.16 1.48 -17.74
C GLY A 129 9.49 2.09 -19.08
N ARG A 130 8.47 2.42 -19.87
CA ARG A 130 8.71 3.01 -21.19
C ARG A 130 9.31 4.40 -21.07
N ASP A 131 8.93 5.17 -20.04
CA ASP A 131 9.53 6.48 -19.86
C ASP A 131 11.01 6.36 -19.50
N LEU A 132 11.37 5.34 -18.71
CA LEU A 132 12.77 5.16 -18.32
C LEU A 132 13.63 4.69 -19.49
N ARG A 133 13.03 4.05 -20.50
CA ARG A 133 13.79 3.62 -21.66
C ARG A 133 14.47 4.79 -22.36
N ASP A 134 13.89 5.99 -22.25
CA ASP A 134 14.49 7.15 -22.89
C ASP A 134 15.82 7.56 -22.26
N HIS A 135 16.20 6.97 -21.13
CA HIS A 135 17.37 7.41 -20.38
C HIS A 135 18.46 6.36 -20.26
N THR A 136 18.32 5.21 -20.92
CA THR A 136 19.30 4.13 -20.75
C THR A 136 19.33 3.26 -21.99
N ASP A 137 20.51 2.71 -22.26
CA ASP A 137 20.73 1.80 -23.38
C ASP A 137 20.73 0.34 -22.95
N GLY A 138 20.41 0.06 -21.69
CA GLY A 138 20.32 -1.29 -21.20
C GLY A 138 18.89 -1.66 -20.86
N PRO A 139 18.71 -2.77 -20.15
CA PRO A 139 17.36 -3.15 -19.72
C PRO A 139 16.79 -2.14 -18.74
N VAL A 140 15.48 -1.98 -18.79
CA VAL A 140 14.72 -1.24 -17.79
C VAL A 140 14.08 -2.26 -16.86
N LYS A 141 14.54 -2.29 -15.61
CA LYS A 141 14.08 -3.26 -14.63
C LYS A 141 13.43 -2.51 -13.47
N ILE A 142 12.13 -2.71 -13.29
CA ILE A 142 11.36 -2.05 -12.23
C ILE A 142 10.37 -3.04 -11.64
N PHE A 143 9.98 -2.77 -10.40
CA PHE A 143 8.95 -3.57 -9.75
C PHE A 143 8.17 -2.68 -8.80
N GLU A 144 6.90 -3.04 -8.59
CA GLU A 144 6.05 -2.38 -7.61
C GLU A 144 5.31 -3.42 -6.80
N MET A 145 5.07 -3.11 -5.53
CA MET A 145 4.22 -3.89 -4.65
C MET A 145 3.13 -2.97 -4.12
N GLY A 146 1.88 -3.32 -4.38
CA GLY A 146 0.79 -2.43 -3.99
C GLY A 146 -0.56 -3.09 -4.16
N SER A 147 -1.56 -2.45 -3.57
CA SER A 147 -2.92 -3.00 -3.58
C SER A 147 -3.56 -2.88 -4.94
N CYS A 148 -4.24 -3.96 -5.36
CA CYS A 148 -5.12 -3.95 -6.52
C CYS A 148 -6.51 -4.38 -6.07
N PHE A 149 -7.51 -4.08 -6.89
CA PHE A 149 -8.91 -4.20 -6.50
C PHE A 149 -9.70 -4.89 -7.59
N ARG A 150 -10.51 -5.88 -7.20
CA ARG A 150 -11.37 -6.61 -8.12
C ARG A 150 -12.62 -7.06 -7.38
N LYS A 151 -13.76 -6.93 -8.03
CA LYS A 151 -14.99 -7.52 -7.52
C LYS A 151 -14.92 -9.03 -7.69
N GLU A 152 -15.07 -9.76 -6.59
CA GLU A 152 -14.91 -11.20 -6.57
C GLU A 152 -16.06 -11.85 -5.80
N SER A 153 -16.34 -13.10 -6.16
CA SER A 153 -17.28 -13.92 -5.41
C SER A 153 -16.55 -14.60 -4.26
N HIS A 154 -17.33 -15.14 -3.32
CA HIS A 154 -16.75 -15.81 -2.17
C HIS A 154 -15.79 -16.90 -2.63
N SER A 155 -14.56 -16.84 -2.13
CA SER A 155 -13.54 -17.81 -2.49
C SER A 155 -12.40 -17.71 -1.49
N GLY A 156 -11.93 -18.87 -1.02
CA GLY A 156 -10.87 -18.91 -0.03
C GLY A 156 -9.54 -18.36 -0.52
N MET A 157 -9.47 -17.98 -1.80
CA MET A 157 -8.23 -17.40 -2.32
C MET A 157 -8.47 -16.13 -3.14
N HIS A 158 -9.56 -15.42 -2.88
CA HIS A 158 -9.81 -14.14 -3.52
C HIS A 158 -10.16 -13.11 -2.47
N LEU A 159 -9.58 -11.92 -2.63
CA LEU A 159 -9.92 -10.74 -1.84
C LEU A 159 -10.32 -9.63 -2.79
N GLU A 160 -11.19 -8.74 -2.32
CA GLU A 160 -11.50 -7.55 -3.10
C GLU A 160 -10.31 -6.62 -3.19
N GLU A 161 -9.49 -6.57 -2.14
CA GLU A 161 -8.23 -5.85 -2.14
C GLU A 161 -7.13 -6.84 -1.84
N PHE A 162 -6.26 -7.08 -2.82
CA PHE A 162 -5.10 -7.95 -2.65
C PHE A 162 -3.84 -7.17 -3.02
N THR A 163 -2.69 -7.76 -2.73
CA THR A 163 -1.40 -7.11 -2.87
C THR A 163 -0.66 -7.77 -4.04
N MET A 164 -0.48 -7.00 -5.11
CA MET A 164 0.28 -7.45 -6.28
C MET A 164 1.74 -7.09 -6.15
N LEU A 165 2.60 -8.01 -6.57
CA LEU A 165 3.97 -7.69 -6.97
C LEU A 165 4.03 -7.83 -8.48
N ASN A 166 4.42 -6.76 -9.16
CA ASN A 166 4.67 -6.81 -10.59
C ASN A 166 6.10 -6.38 -10.85
N LEU A 167 6.89 -7.27 -11.43
CA LEU A 167 8.25 -6.96 -11.88
C LEU A 167 8.25 -6.90 -13.41
N PHE A 168 9.09 -6.02 -13.94
CA PHE A 168 9.08 -5.69 -15.36
C PHE A 168 10.52 -5.51 -15.82
N ASP A 169 10.93 -6.32 -16.79
CA ASP A 169 12.26 -6.25 -17.40
C ASP A 169 12.07 -5.99 -18.89
N MET A 170 12.18 -4.73 -19.29
CA MET A 170 12.02 -4.33 -20.68
C MET A 170 13.37 -4.29 -21.36
N GLY A 171 13.48 -4.97 -22.50
CA GLY A 171 14.76 -5.16 -23.15
C GLY A 171 15.69 -6.02 -22.33
N PRO A 172 15.20 -7.21 -21.93
CA PRO A 172 16.01 -8.07 -21.06
C PRO A 172 17.25 -8.57 -21.77
N ARG A 173 18.23 -8.96 -20.96
CA ARG A 173 19.46 -9.57 -21.46
C ARG A 173 19.24 -11.07 -21.51
N GLY A 174 18.75 -11.54 -22.65
CA GLY A 174 18.41 -12.93 -22.85
C GLY A 174 17.01 -13.09 -23.41
N ASP A 175 16.72 -14.32 -23.81
CA ASP A 175 15.37 -14.67 -24.22
C ASP A 175 14.38 -14.24 -23.14
N ALA A 176 13.38 -13.47 -23.53
CA ALA A 176 12.45 -12.92 -22.54
C ALA A 176 11.82 -14.00 -21.69
N THR A 177 11.47 -15.14 -22.30
CA THR A 177 10.84 -16.22 -21.55
C THR A 177 11.83 -16.87 -20.59
N GLU A 178 13.06 -17.08 -21.05
CA GLU A 178 14.09 -17.66 -20.17
C GLU A 178 14.43 -16.70 -19.03
N VAL A 179 14.57 -15.41 -19.35
CA VAL A 179 14.79 -14.41 -18.30
C VAL A 179 13.63 -14.41 -17.32
N LEU A 180 12.40 -14.50 -17.84
CA LEU A 180 11.23 -14.54 -16.97
C LEU A 180 11.33 -15.68 -15.96
N LYS A 181 11.69 -16.87 -16.43
CA LYS A 181 11.75 -18.03 -15.53
C LYS A 181 12.81 -17.83 -14.46
N ASN A 182 13.92 -17.19 -14.81
CA ASN A 182 14.98 -16.95 -13.83
C ASN A 182 14.50 -16.02 -12.72
N TYR A 183 13.81 -14.94 -13.08
CA TYR A 183 13.38 -13.99 -12.07
C TYR A 183 12.16 -14.50 -11.30
N ILE A 184 11.34 -15.36 -11.91
CA ILE A 184 10.34 -16.08 -11.13
C ILE A 184 11.04 -16.88 -10.03
N SER A 185 12.15 -17.53 -10.37
CA SER A 185 12.90 -18.32 -9.39
C SER A 185 13.42 -17.43 -8.26
N VAL A 186 13.87 -16.22 -8.58
CA VAL A 186 14.36 -15.31 -7.55
C VAL A 186 13.24 -14.96 -6.57
N VAL A 187 12.07 -14.61 -7.09
CA VAL A 187 10.95 -14.23 -6.22
C VAL A 187 10.53 -15.42 -5.36
N MET A 188 10.34 -16.58 -6.00
CA MET A 188 9.80 -17.74 -5.27
C MET A 188 10.74 -18.16 -4.16
N LYS A 189 12.04 -18.17 -4.41
CA LYS A 189 13.00 -18.52 -3.36
C LYS A 189 13.04 -17.46 -2.26
N ALA A 190 13.03 -16.18 -2.66
CA ALA A 190 12.98 -15.11 -1.66
C ALA A 190 11.74 -15.22 -0.79
N ALA A 191 10.64 -15.71 -1.36
CA ALA A 191 9.40 -15.89 -0.60
C ALA A 191 9.41 -17.16 0.25
N GLY A 192 10.44 -18.00 0.13
CA GLY A 192 10.46 -19.25 0.85
C GLY A 192 9.59 -20.33 0.27
N LEU A 193 9.39 -20.31 -1.05
CA LEU A 193 8.52 -21.27 -1.75
C LEU A 193 9.27 -21.82 -2.94
N PRO A 194 10.33 -22.60 -2.70
CA PRO A 194 11.17 -23.08 -3.83
C PRO A 194 10.53 -24.18 -4.67
N ASP A 195 9.43 -24.79 -4.21
CA ASP A 195 8.80 -25.90 -4.93
C ASP A 195 7.56 -25.37 -5.64
N TYR A 196 7.67 -25.17 -6.95
CA TYR A 196 6.57 -24.65 -7.75
C TYR A 196 6.68 -25.21 -9.16
N ASP A 197 5.62 -25.03 -9.93
CA ASP A 197 5.60 -25.42 -11.34
C ASP A 197 5.15 -24.24 -12.19
N LEU A 198 5.45 -24.35 -13.48
CA LEU A 198 5.08 -23.34 -14.47
C LEU A 198 4.14 -23.97 -15.49
N VAL A 199 3.05 -23.27 -15.80
CA VAL A 199 2.01 -23.78 -16.67
C VAL A 199 1.61 -22.68 -17.66
N GLN A 200 1.00 -23.11 -18.76
CA GLN A 200 0.47 -22.20 -19.77
C GLN A 200 -1.03 -22.06 -19.54
N GLU A 201 -1.52 -20.83 -19.50
CA GLU A 201 -2.92 -20.58 -19.23
C GLU A 201 -3.45 -19.52 -20.17
N GLU A 202 -4.74 -19.59 -20.45
CA GLU A 202 -5.41 -18.64 -21.31
C GLU A 202 -5.70 -17.36 -20.52
N SER A 203 -5.69 -16.23 -21.24
CA SER A 203 -5.92 -14.95 -20.61
C SER A 203 -6.67 -14.04 -21.57
N ASP A 204 -7.73 -13.40 -21.07
CA ASP A 204 -8.47 -12.45 -21.89
C ASP A 204 -7.68 -11.18 -22.17
N VAL A 205 -6.69 -10.86 -21.33
CA VAL A 205 -5.90 -9.65 -21.52
C VAL A 205 -4.66 -9.92 -22.34
N PHE A 206 -3.95 -11.02 -22.08
CA PHE A 206 -2.70 -11.34 -22.75
C PHE A 206 -2.81 -12.48 -23.74
N LYS A 207 -4.02 -13.03 -23.94
CA LYS A 207 -4.20 -14.21 -24.78
C LYS A 207 -3.67 -15.44 -24.06
N GLU A 208 -2.39 -15.41 -23.69
CA GLU A 208 -1.74 -16.52 -23.02
C GLU A 208 -0.80 -15.98 -21.95
N THR A 209 -0.75 -16.67 -20.80
CA THR A 209 0.18 -16.34 -19.74
C THR A 209 0.95 -17.58 -19.32
N ILE A 210 2.12 -17.35 -18.72
CA ILE A 210 2.85 -18.38 -18.00
C ILE A 210 2.52 -18.19 -16.53
N ASP A 211 1.82 -19.15 -15.94
CA ASP A 211 1.38 -19.04 -14.56
C ASP A 211 2.30 -19.85 -13.66
N VAL A 212 2.54 -19.34 -12.45
CA VAL A 212 3.24 -20.07 -11.40
C VAL A 212 2.18 -20.72 -10.52
N GLU A 213 2.33 -22.02 -10.29
CA GLU A 213 1.40 -22.74 -9.42
C GLU A 213 2.16 -23.50 -8.35
N ILE A 214 1.53 -23.61 -7.19
CA ILE A 214 1.95 -24.50 -6.12
C ILE A 214 0.80 -25.45 -5.83
N ASN A 215 1.01 -26.73 -6.08
CA ASN A 215 -0.06 -27.73 -5.95
C ASN A 215 -1.28 -27.32 -6.76
N GLY A 216 -1.04 -26.80 -7.95
CA GLY A 216 -2.11 -26.44 -8.87
C GLY A 216 -2.79 -25.13 -8.57
N GLN A 217 -2.27 -24.35 -7.61
CA GLN A 217 -2.90 -23.10 -7.23
C GLN A 217 -2.11 -21.94 -7.80
N GLU A 218 -2.80 -21.07 -8.54
CA GLU A 218 -2.15 -19.94 -9.19
C GLU A 218 -1.69 -18.91 -8.17
N VAL A 219 -0.39 -18.58 -8.22
CA VAL A 219 0.17 -17.53 -7.40
C VAL A 219 0.81 -16.42 -8.23
N CYS A 220 0.81 -16.55 -9.55
CA CYS A 220 1.39 -15.53 -10.43
C CYS A 220 0.95 -15.80 -11.86
N SER A 221 0.76 -14.71 -12.60
CA SER A 221 0.57 -14.76 -14.05
C SER A 221 1.61 -13.86 -14.69
N ALA A 222 2.31 -14.40 -15.69
CA ALA A 222 3.43 -13.70 -16.32
C ALA A 222 3.24 -13.72 -17.83
N ALA A 223 3.88 -12.75 -18.49
CA ALA A 223 3.79 -12.61 -19.93
C ALA A 223 5.12 -12.09 -20.46
N VAL A 224 5.32 -12.24 -21.77
CA VAL A 224 6.54 -11.79 -22.42
CA VAL A 224 6.54 -11.82 -22.45
C VAL A 224 6.17 -11.00 -23.66
N GLY A 225 7.06 -10.07 -24.02
CA GLY A 225 6.94 -9.34 -25.26
C GLY A 225 8.04 -9.77 -26.21
N PRO A 226 7.97 -9.35 -27.49
CA PRO A 226 6.96 -8.49 -28.11
C PRO A 226 5.55 -9.06 -28.02
N HIS A 227 4.58 -8.19 -27.77
CA HIS A 227 3.20 -8.55 -27.48
C HIS A 227 2.28 -7.56 -28.15
N TYR A 228 1.06 -7.98 -28.47
CA TYR A 228 0.14 -7.10 -29.18
C TYR A 228 -0.29 -5.91 -28.35
N LEU A 229 -0.08 -5.94 -27.03
CA LEU A 229 -0.34 -4.77 -26.20
C LEU A 229 0.75 -3.71 -26.32
N ASP A 230 1.84 -4.01 -27.02
CA ASP A 230 2.99 -3.12 -27.01
C ASP A 230 2.70 -1.81 -27.73
N ALA A 231 2.00 -1.87 -28.86
CA ALA A 231 1.76 -0.67 -29.66
C ALA A 231 1.10 0.43 -28.83
N ALA A 232 0.08 0.06 -28.05
CA ALA A 232 -0.64 1.04 -27.24
C ALA A 232 0.20 1.60 -26.10
N HIS A 233 1.33 0.96 -25.79
CA HIS A 233 2.24 1.45 -24.76
C HIS A 233 3.54 1.97 -25.34
N ASP A 234 3.62 2.13 -26.66
CA ASP A 234 4.82 2.63 -27.34
C ASP A 234 6.04 1.78 -27.04
N VAL A 235 5.84 0.48 -26.85
CA VAL A 235 6.92 -0.46 -26.56
C VAL A 235 7.32 -1.12 -27.86
N HIS A 236 8.63 -1.16 -28.14
CA HIS A 236 9.13 -1.72 -29.39
C HIS A 236 10.34 -2.62 -29.12
N GLU A 237 10.18 -3.57 -28.22
CA GLU A 237 11.27 -4.46 -27.83
C GLU A 237 10.70 -5.60 -26.99
N PRO A 238 11.46 -6.67 -26.81
CA PRO A 238 10.99 -7.74 -25.92
C PRO A 238 10.95 -7.27 -24.47
N TRP A 239 10.12 -7.94 -23.69
CA TRP A 239 10.05 -7.65 -22.26
C TRP A 239 9.61 -8.90 -21.51
N SER A 240 9.86 -8.89 -20.20
CA SER A 240 9.44 -9.95 -19.29
C SER A 240 8.66 -9.32 -18.15
N GLY A 241 7.47 -9.83 -17.89
CA GLY A 241 6.62 -9.28 -16.85
C GLY A 241 5.91 -10.36 -16.06
N ALA A 242 5.78 -10.17 -14.74
CA ALA A 242 5.16 -11.15 -13.88
C ALA A 242 4.40 -10.44 -12.78
N GLY A 243 3.17 -10.87 -12.53
CA GLY A 243 2.39 -10.35 -11.42
C GLY A 243 2.07 -11.42 -10.38
N PHE A 244 2.61 -11.27 -9.18
CA PHE A 244 2.43 -12.25 -8.10
C PHE A 244 1.36 -11.78 -7.13
N GLY A 245 0.57 -12.73 -6.63
CA GLY A 245 -0.34 -12.47 -5.53
C GLY A 245 0.31 -12.74 -4.19
N LEU A 246 0.66 -11.68 -3.46
CA LEU A 246 1.47 -11.84 -2.26
C LEU A 246 0.71 -12.55 -1.14
N GLU A 247 -0.59 -12.25 -0.98
CA GLU A 247 -1.37 -12.96 0.01
C GLU A 247 -1.41 -14.46 -0.29
N ARG A 248 -1.51 -14.82 -1.56
CA ARG A 248 -1.52 -16.24 -1.91
C ARG A 248 -0.18 -16.90 -1.58
N LEU A 249 0.92 -16.21 -1.86
CA LEU A 249 2.23 -16.73 -1.47
C LEU A 249 2.31 -16.90 0.04
N LEU A 250 1.97 -15.86 0.79
CA LEU A 250 2.01 -15.92 2.25
C LEU A 250 1.10 -17.01 2.78
N THR A 251 -0.11 -17.13 2.21
CA THR A 251 -1.08 -18.10 2.69
C THR A 251 -0.57 -19.53 2.52
N ILE A 252 0.05 -19.81 1.37
CA ILE A 252 0.53 -21.16 1.10
C ILE A 252 1.73 -21.48 1.98
N ARG A 253 2.64 -20.51 2.14
CA ARG A 253 3.84 -20.77 2.94
C ARG A 253 3.50 -20.94 4.41
N GLU A 254 2.63 -20.09 4.95
CA GLU A 254 2.25 -20.17 6.36
C GLU A 254 1.16 -21.20 6.61
N LYS A 255 0.61 -21.81 5.57
CA LYS A 255 -0.44 -22.81 5.71
C LYS A 255 -1.67 -22.22 6.40
N TYR A 256 -2.00 -20.99 6.04
CA TYR A 256 -3.27 -20.40 6.45
C TYR A 256 -4.40 -21.06 5.67
N SER A 257 -5.59 -21.08 6.28
CA SER A 257 -6.72 -21.76 5.67
C SER A 257 -7.29 -20.97 4.49
N THR A 258 -7.23 -19.65 4.53
CA THR A 258 -7.69 -18.81 3.43
C THR A 258 -6.78 -17.61 3.32
N VAL A 259 -6.89 -16.90 2.18
CA VAL A 259 -6.05 -15.74 1.93
C VAL A 259 -6.46 -14.52 2.75
N LYS A 260 -7.63 -14.56 3.38
CA LYS A 260 -8.07 -13.42 4.19
C LYS A 260 -7.30 -13.29 5.50
N LYS A 261 -6.58 -14.34 5.91
CA LYS A 261 -5.99 -14.37 7.23
C LYS A 261 -4.66 -13.64 7.32
N GLY A 262 -3.95 -13.49 6.20
CA GLY A 262 -2.63 -12.89 6.23
C GLY A 262 -2.55 -11.52 5.58
N GLY A 263 -3.65 -11.04 5.01
CA GLY A 263 -3.67 -9.79 4.28
C GLY A 263 -4.27 -8.65 5.08
N ALA A 264 -4.66 -7.59 4.37
CA ALA A 264 -5.30 -6.45 4.99
C ALA A 264 -6.67 -6.86 5.54
N SER A 265 -6.90 -6.57 6.82
CA SER A 265 -8.10 -7.06 7.48
C SER A 265 -8.29 -6.30 8.78
N ILE A 266 -9.54 -6.21 9.22
CA ILE A 266 -9.88 -5.84 10.59
C ILE A 266 -10.49 -7.02 11.35
N SER A 267 -10.49 -8.21 10.74
CA SER A 267 -10.94 -9.43 11.38
C SER A 267 -9.83 -10.43 11.66
N TYR A 268 -8.71 -10.33 10.95
CA TYR A 268 -7.57 -11.22 11.14
C TYR A 268 -6.30 -10.41 11.32
N LEU A 269 -5.36 -10.99 12.06
CA LEU A 269 -4.02 -10.41 12.21
C LEU A 269 -3.01 -11.56 12.18
N ASN A 270 -2.21 -11.61 11.13
CA ASN A 270 -1.13 -12.59 10.99
C ASN A 270 -1.62 -14.01 11.25
N GLY A 271 -2.76 -14.35 10.64
CA GLY A 271 -3.31 -15.68 10.70
C GLY A 271 -4.35 -15.89 11.77
N ALA A 272 -4.41 -15.03 12.78
CA ALA A 272 -5.31 -15.20 13.91
C ALA A 272 -6.55 -14.34 13.73
N LYS A 273 -7.70 -14.90 14.10
CA LYS A 273 -8.96 -14.17 14.12
C LYS A 273 -9.09 -13.43 15.45
N ILE A 274 -9.32 -12.12 15.39
CA ILE A 274 -9.29 -11.28 16.58
C ILE A 274 -10.67 -10.91 17.09
N ASN A 275 -11.74 -11.40 16.46
CA ASN A 275 -13.09 -11.11 16.92
C ASN A 275 -14.03 -12.19 16.43
N LEU A 276 -15.28 -12.10 16.89
CA LEU A 276 -16.28 -13.13 16.63
C LEU A 276 -17.19 -12.74 15.47
N VAL B 3 12.39 42.63 -12.14
CA VAL B 3 11.37 41.62 -12.44
C VAL B 3 11.80 40.26 -11.93
N LYS B 4 10.83 39.40 -11.65
CA LYS B 4 11.08 38.05 -11.16
C LYS B 4 10.44 37.05 -12.11
N TYR B 5 10.70 35.77 -11.85
CA TYR B 5 9.96 34.72 -12.54
C TYR B 5 8.46 34.91 -12.30
N THR B 6 7.67 34.76 -13.36
CA THR B 6 6.23 34.78 -13.20
C THR B 6 5.80 33.52 -12.43
N ASP B 7 4.60 33.60 -11.83
CA ASP B 7 4.05 32.43 -11.16
C ASP B 7 4.03 31.24 -12.10
N ALA B 8 3.69 31.46 -13.38
CA ALA B 8 3.65 30.37 -14.35
C ALA B 8 5.04 29.77 -14.56
N GLN B 9 6.05 30.62 -14.71
CA GLN B 9 7.41 30.12 -14.84
C GLN B 9 7.84 29.37 -13.59
N ILE B 10 7.52 29.91 -12.42
CA ILE B 10 7.87 29.23 -11.17
C ILE B 10 7.27 27.83 -11.13
N GLN B 11 6.02 27.71 -11.59
CA GLN B 11 5.35 26.41 -11.58
C GLN B 11 6.06 25.42 -12.50
N ARG B 12 6.41 25.86 -13.72
CA ARG B 12 7.09 24.97 -14.64
C ARG B 12 8.46 24.57 -14.10
N LEU B 13 9.16 25.51 -13.46
CA LEU B 13 10.46 25.19 -12.86
C LEU B 13 10.30 24.16 -11.75
N ARG B 14 9.35 24.39 -10.83
CA ARG B 14 9.12 23.43 -9.76
C ARG B 14 8.66 22.08 -10.31
N GLU B 15 7.96 22.08 -11.45
CA GLU B 15 7.54 20.82 -12.05
C GLU B 15 8.73 19.97 -12.44
N TYR B 16 9.78 20.59 -12.96
CA TYR B 16 10.95 19.87 -13.46
C TYR B 16 12.11 19.82 -12.48
N GLY B 17 12.20 20.81 -11.57
CA GLY B 17 13.35 20.93 -10.71
C GLY B 17 12.94 21.06 -9.25
N ASN B 18 13.91 20.83 -8.38
CA ASN B 18 13.71 20.89 -6.94
C ASN B 18 14.59 21.96 -6.30
N GLY B 19 14.93 22.98 -7.07
CA GLY B 19 15.65 24.13 -6.54
C GLY B 19 14.70 25.14 -5.94
N THR B 20 15.24 26.33 -5.67
CA THR B 20 14.46 27.47 -5.21
C THR B 20 14.55 28.56 -6.27
N TYR B 21 13.39 29.05 -6.72
CA TYR B 21 13.34 29.96 -7.85
C TYR B 21 12.61 31.27 -7.59
N GLU B 22 11.76 31.36 -6.57
CA GLU B 22 10.94 32.54 -6.35
C GLU B 22 11.72 33.72 -5.78
N GLN B 23 13.03 33.58 -5.54
CA GLN B 23 13.83 34.67 -5.00
C GLN B 23 14.67 35.38 -6.05
N LYS B 24 14.77 34.83 -7.26
CA LYS B 24 15.59 35.44 -8.30
C LYS B 24 14.97 36.75 -8.77
N VAL B 25 15.83 37.73 -9.06
CA VAL B 25 15.42 39.04 -9.55
C VAL B 25 16.28 39.38 -10.75
N PHE B 26 15.65 39.90 -11.79
CA PHE B 26 16.30 40.11 -13.08
C PHE B 26 16.17 41.57 -13.51
N GLU B 27 17.11 41.99 -14.35
CA GLU B 27 17.16 43.39 -14.77
C GLU B 27 16.07 43.73 -15.77
N ASP B 28 15.61 42.74 -16.55
CA ASP B 28 14.58 42.98 -17.55
C ASP B 28 13.99 41.64 -17.97
N LEU B 29 12.91 41.71 -18.73
CA LEU B 29 12.21 40.50 -19.14
C LEU B 29 13.09 39.61 -20.01
N ALA B 30 13.97 40.20 -20.81
CA ALA B 30 14.84 39.41 -21.67
C ALA B 30 15.74 38.49 -20.84
N SER B 31 16.37 39.04 -19.80
CA SER B 31 17.26 38.24 -18.97
C SER B 31 16.48 37.24 -18.11
N ARG B 32 15.29 37.62 -17.67
CA ARG B 32 14.43 36.66 -16.97
C ARG B 32 14.16 35.44 -17.84
N ASP B 33 13.85 35.66 -19.12
CA ASP B 33 13.54 34.55 -20.00
C ASP B 33 14.78 33.71 -20.30
N ALA B 34 15.92 34.36 -20.53
CA ALA B 34 17.17 33.62 -20.68
C ALA B 34 17.45 32.79 -19.44
N ALA B 35 17.25 33.37 -18.25
CA ALA B 35 17.41 32.61 -17.02
C ALA B 35 16.48 31.41 -16.99
N PHE B 36 15.23 31.60 -17.39
CA PHE B 36 14.27 30.50 -17.36
C PHE B 36 14.75 29.33 -18.20
N SER B 37 15.28 29.61 -19.39
CA SER B 37 15.79 28.53 -20.24
C SER B 37 16.96 27.82 -19.57
N LYS B 38 17.88 28.59 -18.98
CA LYS B 38 19.05 27.98 -18.37
C LYS B 38 18.66 27.09 -17.19
N GLU B 39 17.64 27.49 -16.43
CA GLU B 39 17.25 26.71 -15.27
C GLU B 39 16.41 25.49 -15.66
N MET B 40 15.60 25.59 -16.70
CA MET B 40 14.94 24.39 -17.24
C MET B 40 15.97 23.40 -17.75
N SER B 41 17.01 23.89 -18.42
CA SER B 41 18.06 23.01 -18.91
C SER B 41 18.80 22.34 -17.76
N VAL B 42 19.10 23.11 -16.71
CA VAL B 42 19.78 22.54 -15.55
C VAL B 42 18.89 21.50 -14.87
N ALA B 43 17.60 21.80 -14.72
CA ALA B 43 16.69 20.86 -14.07
C ALA B 43 16.60 19.57 -14.87
N SER B 44 16.42 19.67 -16.18
CA SER B 44 16.31 18.47 -17.02
C SER B 44 17.59 17.64 -16.93
N THR B 45 18.75 18.29 -16.95
CA THR B 45 20.01 17.56 -16.80
C THR B 45 20.07 16.86 -15.44
N ASP B 46 19.66 17.54 -14.38
CA ASP B 46 19.69 16.93 -13.05
C ASP B 46 18.72 15.75 -12.98
N ASN B 47 17.57 15.85 -13.66
CA ASN B 47 16.66 14.71 -13.73
C ASN B 47 17.32 13.54 -14.44
N GLU B 48 17.96 13.81 -15.58
CA GLU B 48 18.71 12.78 -16.29
C GLU B 48 19.71 12.10 -15.37
N LYS B 49 20.50 12.90 -14.65
CA LYS B 49 21.54 12.35 -13.78
C LYS B 49 20.94 11.47 -12.69
N LYS B 50 19.88 11.95 -12.04
CA LYS B 50 19.24 11.15 -10.99
C LYS B 50 18.68 9.85 -11.58
N ILE B 51 18.03 9.94 -12.74
CA ILE B 51 17.46 8.75 -13.36
C ILE B 51 18.56 7.74 -13.70
N LYS B 52 19.58 8.20 -14.43
CA LYS B 52 20.69 7.31 -14.77
C LYS B 52 21.34 6.75 -13.51
N GLY B 53 21.46 7.56 -12.45
CA GLY B 53 22.04 7.07 -11.22
C GLY B 53 21.20 5.97 -10.59
N MET B 54 19.88 6.08 -10.66
CA MET B 54 19.01 5.04 -10.13
C MET B 54 19.14 3.76 -10.94
N ILE B 55 19.24 3.88 -12.27
CA ILE B 55 19.34 2.70 -13.12
C ILE B 55 20.66 1.98 -12.88
N ALA B 56 21.73 2.74 -12.60
CA ALA B 56 23.03 2.13 -12.35
C ALA B 56 23.16 1.61 -10.92
N ASN B 57 22.43 2.22 -9.98
CA ASN B 57 22.51 1.87 -8.56
C ASN B 57 21.09 1.76 -8.01
N PRO B 58 20.35 0.73 -8.40
CA PRO B 58 18.94 0.62 -7.97
C PRO B 58 18.82 0.54 -6.46
N SER B 59 17.65 0.96 -5.96
CA SER B 59 17.39 0.97 -4.54
C SER B 59 15.90 0.81 -4.31
N ARG B 60 15.54 0.54 -3.06
CA ARG B 60 14.15 0.64 -2.66
C ARG B 60 13.66 2.07 -2.84
N HIS B 61 12.35 2.22 -2.91
CA HIS B 61 11.75 3.52 -3.17
C HIS B 61 11.92 4.44 -1.97
N GLY B 62 12.13 5.73 -2.25
CA GLY B 62 12.37 6.68 -1.17
C GLY B 62 11.27 6.67 -0.13
N LEU B 63 10.02 6.54 -0.57
CA LEU B 63 8.91 6.47 0.39
C LEU B 63 8.94 5.16 1.15
N THR B 64 9.25 4.05 0.47
CA THR B 64 9.33 2.76 1.15
C THR B 64 10.44 2.78 2.21
N GLN B 65 11.58 3.39 1.88
CA GLN B 65 12.69 3.46 2.84
C GLN B 65 12.27 4.22 4.09
N LEU B 66 11.58 5.34 3.92
CA LEU B 66 11.09 6.10 5.06
C LEU B 66 10.10 5.27 5.88
N MET B 67 9.21 4.55 5.20
CA MET B 67 8.24 3.72 5.90
C MET B 67 8.94 2.64 6.72
N ASN B 68 9.97 2.01 6.15
CA ASN B 68 10.71 0.98 6.87
C ASN B 68 11.48 1.59 8.05
N ASP B 69 12.07 2.76 7.85
CA ASP B 69 12.81 3.41 8.92
C ASP B 69 11.90 3.67 10.12
N ILE B 70 10.74 4.27 9.88
CA ILE B 70 9.83 4.60 10.98
C ILE B 70 9.24 3.32 11.57
N ALA B 71 8.83 2.38 10.71
CA ALA B 71 8.17 1.18 11.20
C ALA B 71 9.06 0.40 12.15
N ASP B 72 10.32 0.19 11.77
CA ASP B 72 11.24 -0.55 12.63
C ASP B 72 11.48 0.18 13.94
N ALA B 73 11.44 1.51 13.93
CA ALA B 73 11.57 2.26 15.18
C ALA B 73 10.35 2.04 16.07
N LEU B 74 9.16 1.95 15.48
CA LEU B 74 7.96 1.75 16.29
C LEU B 74 7.88 0.32 16.82
N VAL B 75 8.22 -0.67 15.99
CA VAL B 75 8.30 -2.04 16.49
C VAL B 75 9.26 -2.12 17.68
N ALA B 76 10.38 -1.40 17.59
CA ALA B 76 11.33 -1.39 18.70
C ALA B 76 10.71 -0.84 19.97
N GLU B 77 9.69 0.03 19.84
CA GLU B 77 9.00 0.59 20.98
C GLU B 77 7.84 -0.29 21.46
N GLY B 78 7.59 -1.41 20.80
CA GLY B 78 6.56 -2.33 21.21
C GLY B 78 5.28 -2.30 20.41
N PHE B 79 5.27 -1.64 19.25
CA PHE B 79 4.06 -1.55 18.43
C PHE B 79 3.96 -2.74 17.50
N ILE B 80 2.75 -3.29 17.40
CA ILE B 80 2.44 -4.30 16.40
C ILE B 80 2.05 -3.59 15.11
N GLU B 81 2.65 -4.00 13.99
CA GLU B 81 2.20 -3.50 12.69
C GLU B 81 0.94 -4.25 12.28
N VAL B 82 -0.07 -3.49 11.87
CA VAL B 82 -1.30 -4.06 11.32
C VAL B 82 -1.50 -3.49 9.92
N ARG B 83 -2.24 -4.22 9.10
CA ARG B 83 -2.66 -3.78 7.78
C ARG B 83 -4.16 -3.99 7.67
N THR B 84 -4.89 -2.94 7.34
CA THR B 84 -6.34 -2.97 7.30
C THR B 84 -6.85 -2.57 5.92
N PRO B 85 -8.11 -2.88 5.61
CA PRO B 85 -8.61 -2.61 4.26
C PRO B 85 -8.68 -1.13 3.97
N ILE B 86 -8.52 -0.80 2.69
CA ILE B 86 -8.70 0.57 2.24
C ILE B 86 -10.19 0.92 2.21
N PHE B 87 -11.05 -0.07 1.96
CA PHE B 87 -12.49 0.14 2.04
C PHE B 87 -12.93 0.25 3.49
N ILE B 88 -13.76 1.25 3.79
CA ILE B 88 -14.41 1.35 5.09
C ILE B 88 -15.89 1.64 4.86
N SER B 89 -16.68 1.40 5.91
CA SER B 89 -18.13 1.46 5.80
C SER B 89 -18.65 2.85 6.15
N LYS B 90 -19.91 3.08 5.78
CA LYS B 90 -20.60 4.29 6.21
C LYS B 90 -20.69 4.36 7.73
N ASP B 91 -20.91 3.22 8.37
CA ASP B 91 -20.95 3.18 9.83
C ASP B 91 -19.63 3.65 10.43
N ALA B 92 -18.52 3.14 9.91
CA ALA B 92 -17.21 3.55 10.43
C ALA B 92 -17.01 5.06 10.34
N LEU B 93 -17.42 5.65 9.21
CA LEU B 93 -17.30 7.09 9.07
C LEU B 93 -18.21 7.81 10.06
N ALA B 94 -19.43 7.31 10.25
CA ALA B 94 -20.35 7.96 11.16
C ALA B 94 -19.80 7.97 12.58
N ARG B 95 -19.04 6.95 12.98
CA ARG B 95 -18.46 6.91 14.31
C ARG B 95 -17.36 7.96 14.48
N MET B 96 -16.82 8.47 13.37
CA MET B 96 -15.96 9.65 13.39
C MET B 96 -16.76 10.95 13.32
N THR B 97 -18.09 10.87 13.33
CA THR B 97 -19.01 11.99 13.16
C THR B 97 -19.09 12.46 11.71
N ILE B 98 -18.52 11.72 10.77
CA ILE B 98 -18.63 12.06 9.35
C ILE B 98 -19.93 11.43 8.86
N THR B 99 -21.02 12.16 9.07
CA THR B 99 -22.37 11.67 8.78
C THR B 99 -22.89 12.27 7.48
N GLU B 100 -24.05 11.75 7.05
CA GLU B 100 -24.45 11.87 5.65
C GLU B 100 -24.87 13.28 5.24
N ASP B 101 -25.27 14.14 6.18
CA ASP B 101 -25.72 15.48 5.84
C ASP B 101 -24.62 16.52 5.96
N LYS B 102 -23.43 16.14 6.39
CA LYS B 102 -22.33 17.09 6.50
C LYS B 102 -21.69 17.29 5.12
N PRO B 103 -21.23 18.50 4.80
CA PRO B 103 -20.48 18.68 3.54
C PRO B 103 -19.33 17.72 3.39
N LEU B 104 -18.64 17.39 4.48
CA LEU B 104 -17.49 16.48 4.42
C LEU B 104 -17.87 15.14 3.84
N PHE B 105 -19.08 14.67 4.11
CA PHE B 105 -19.54 13.38 3.61
C PHE B 105 -19.28 13.23 2.11
N LYS B 106 -19.43 14.32 1.36
CA LYS B 106 -19.30 14.28 -0.09
C LYS B 106 -17.86 14.39 -0.57
N GLN B 107 -16.91 14.64 0.33
CA GLN B 107 -15.51 14.77 -0.06
C GLN B 107 -14.75 13.45 0.08
N VAL B 108 -15.43 12.36 0.37
CA VAL B 108 -14.84 11.03 0.42
CA VAL B 108 -14.82 11.04 0.41
C VAL B 108 -15.18 10.30 -0.87
N PHE B 109 -14.29 9.43 -1.32
CA PHE B 109 -14.51 8.65 -2.54
C PHE B 109 -15.39 7.45 -2.21
N TRP B 110 -16.62 7.46 -2.72
CA TRP B 110 -17.56 6.38 -2.46
C TRP B 110 -17.41 5.28 -3.51
N ILE B 111 -17.46 4.04 -3.04
CA ILE B 111 -17.37 2.87 -3.90
C ILE B 111 -18.75 2.34 -4.27
N ASP B 112 -19.69 2.45 -3.34
CA ASP B 112 -21.09 2.12 -3.54
C ASP B 112 -21.86 2.86 -2.45
N GLU B 113 -23.08 2.42 -2.16
CA GLU B 113 -23.91 3.13 -1.20
C GLU B 113 -23.45 2.92 0.23
N LYS B 114 -22.70 1.84 0.50
CA LYS B 114 -22.33 1.46 1.84
C LYS B 114 -20.86 1.64 2.17
N ARG B 115 -19.99 1.72 1.16
CA ARG B 115 -18.56 1.67 1.38
C ARG B 115 -17.87 2.82 0.65
N ALA B 116 -16.73 3.22 1.21
CA ALA B 116 -15.94 4.31 0.62
C ALA B 116 -14.46 4.03 0.86
N LEU B 117 -13.62 4.71 0.10
CA LEU B 117 -12.18 4.66 0.34
C LEU B 117 -11.86 5.41 1.62
N ARG B 118 -11.06 4.81 2.48
CA ARG B 118 -10.75 5.42 3.76
C ARG B 118 -10.08 6.77 3.56
N PRO B 119 -10.58 7.84 4.18
CA PRO B 119 -9.84 9.12 4.21
C PRO B 119 -8.83 9.20 5.34
N MET B 120 -8.89 8.25 6.27
CA MET B 120 -7.98 8.20 7.40
C MET B 120 -7.90 6.74 7.86
N LEU B 121 -6.84 6.42 8.61
CA LEU B 121 -6.69 5.07 9.14
C LEU B 121 -7.38 4.89 10.49
N ALA B 122 -7.72 5.98 11.18
CA ALA B 122 -8.24 5.88 12.54
C ALA B 122 -9.43 4.94 12.67
N PRO B 123 -10.43 4.96 11.78
CA PRO B 123 -11.55 4.01 11.93
C PRO B 123 -11.09 2.56 12.09
N ASN B 124 -10.28 2.07 11.15
CA ASN B 124 -9.81 0.69 11.25
C ASN B 124 -8.91 0.49 12.45
N ILE B 125 -8.13 1.51 12.83
CA ILE B 125 -7.20 1.37 13.94
C ILE B 125 -7.95 1.27 15.26
N PHE B 126 -8.98 2.10 15.45
CA PHE B 126 -9.81 1.98 16.64
C PHE B 126 -10.41 0.57 16.73
N SER B 127 -10.94 0.07 15.61
CA SER B 127 -11.59 -1.23 15.61
C SER B 127 -10.61 -2.33 15.99
N VAL B 128 -9.45 -2.37 15.34
CA VAL B 128 -8.48 -3.43 15.62
C VAL B 128 -7.96 -3.30 17.04
N GLY B 129 -7.63 -2.08 17.47
CA GLY B 129 -7.13 -1.90 18.82
C GLY B 129 -8.12 -2.35 19.87
N ARG B 130 -9.38 -1.96 19.73
CA ARG B 130 -10.41 -2.36 20.68
C ARG B 130 -10.55 -3.88 20.72
N ASP B 131 -10.52 -4.52 19.55
CA ASP B 131 -10.62 -5.98 19.51
C ASP B 131 -9.44 -6.63 20.21
N LEU B 132 -8.23 -6.10 20.00
CA LEU B 132 -7.06 -6.68 20.63
C LEU B 132 -7.10 -6.53 22.14
N ARG B 133 -7.76 -5.48 22.64
CA ARG B 133 -7.92 -5.30 24.08
C ARG B 133 -8.65 -6.48 24.71
N ASP B 134 -9.48 -7.19 23.95
CA ASP B 134 -10.16 -8.37 24.48
C ASP B 134 -9.19 -9.51 24.79
N HIS B 135 -7.92 -9.37 24.43
CA HIS B 135 -6.95 -10.47 24.56
C HIS B 135 -5.74 -10.12 25.40
N THR B 136 -5.69 -8.94 26.01
CA THR B 136 -4.55 -8.56 26.83
C THR B 136 -4.99 -7.56 27.89
N ASP B 137 -4.25 -7.53 29.00
CA ASP B 137 -4.49 -6.60 30.09
C ASP B 137 -3.52 -5.44 30.09
N GLY B 138 -2.53 -5.43 29.20
CA GLY B 138 -1.61 -4.33 29.09
C GLY B 138 -2.00 -3.40 27.96
N PRO B 139 -1.10 -2.46 27.61
CA PRO B 139 -1.42 -1.53 26.52
C PRO B 139 -1.54 -2.26 25.19
N VAL B 140 -2.42 -1.73 24.34
CA VAL B 140 -2.56 -2.19 22.96
C VAL B 140 -1.85 -1.16 22.09
N LYS B 141 -0.72 -1.54 21.51
CA LYS B 141 0.11 -0.66 20.69
C LYS B 141 0.13 -1.23 19.27
N ILE B 142 -0.50 -0.51 18.34
CA ILE B 142 -0.52 -0.90 16.95
C ILE B 142 -0.21 0.32 16.09
N PHE B 143 0.25 0.06 14.87
CA PHE B 143 0.41 1.12 13.88
C PHE B 143 0.18 0.54 12.51
N GLU B 144 -0.21 1.41 11.59
CA GLU B 144 -0.37 1.04 10.19
C GLU B 144 0.21 2.15 9.31
N MET B 145 0.68 1.74 8.14
CA MET B 145 1.13 2.66 7.10
C MET B 145 0.41 2.26 5.82
N GLY B 146 -0.40 3.16 5.28
CA GLY B 146 -1.21 2.78 4.13
C GLY B 146 -1.83 4.00 3.48
N SER B 147 -2.31 3.77 2.26
CA SER B 147 -2.86 4.85 1.45
C SER B 147 -4.23 5.27 1.96
N CYS B 148 -4.46 6.59 1.98
CA CYS B 148 -5.76 7.17 2.26
C CYS B 148 -6.14 8.07 1.09
N PHE B 149 -7.45 8.32 0.95
CA PHE B 149 -7.97 8.99 -0.23
C PHE B 149 -8.91 10.11 0.18
N ARG B 150 -8.71 11.29 -0.43
CA ARG B 150 -9.54 12.45 -0.14
C ARG B 150 -9.71 13.26 -1.41
N LYS B 151 -10.92 13.75 -1.63
CA LYS B 151 -11.14 14.72 -2.71
C LYS B 151 -10.56 16.06 -2.28
N GLU B 152 -9.55 16.54 -3.01
CA GLU B 152 -8.78 17.71 -2.62
C GLU B 152 -8.71 18.70 -3.77
N SER B 153 -8.59 19.98 -3.42
CA SER B 153 -8.26 21.00 -4.40
C SER B 153 -6.75 21.01 -4.64
N HIS B 154 -6.36 21.57 -5.78
CA HIS B 154 -4.95 21.59 -6.15
C HIS B 154 -4.13 22.36 -5.11
N SER B 155 -3.10 21.70 -4.59
CA SER B 155 -2.14 22.34 -3.70
C SER B 155 -0.82 21.60 -3.81
N GLY B 156 0.26 22.30 -3.50
CA GLY B 156 1.58 21.70 -3.51
C GLY B 156 1.86 20.76 -2.37
N MET B 157 0.89 20.54 -1.48
CA MET B 157 1.05 19.66 -0.33
C MET B 157 -0.11 18.69 -0.19
N HIS B 158 -1.02 18.63 -1.16
CA HIS B 158 -2.18 17.75 -1.10
C HIS B 158 -2.16 16.78 -2.26
N LEU B 159 -2.52 15.53 -1.97
CA LEU B 159 -2.65 14.47 -2.96
C LEU B 159 -4.01 13.84 -2.79
N GLU B 160 -4.59 13.36 -3.90
CA GLU B 160 -5.84 12.61 -3.80
C GLU B 160 -5.61 11.28 -3.09
N GLU B 161 -4.46 10.66 -3.33
CA GLU B 161 -4.02 9.48 -2.59
C GLU B 161 -2.72 9.84 -1.90
N PHE B 162 -2.68 9.67 -0.57
CA PHE B 162 -1.48 9.93 0.20
C PHE B 162 -1.30 8.79 1.21
N THR B 163 -0.09 8.72 1.78
CA THR B 163 0.29 7.62 2.65
C THR B 163 0.27 8.10 4.09
N MET B 164 -0.64 7.53 4.88
CA MET B 164 -0.73 7.82 6.31
C MET B 164 0.08 6.83 7.13
N LEU B 165 0.69 7.33 8.18
CA LEU B 165 1.13 6.51 9.31
C LEU B 165 0.23 6.86 10.48
N ASN B 166 -0.46 5.87 11.04
CA ASN B 166 -1.24 6.05 12.25
C ASN B 166 -0.73 5.08 13.30
N LEU B 167 -0.29 5.62 14.43
CA LEU B 167 0.10 4.83 15.59
C LEU B 167 -0.92 5.05 16.70
N PHE B 168 -1.20 3.97 17.44
CA PHE B 168 -2.26 3.96 18.44
C PHE B 168 -1.76 3.21 19.65
N ASP B 169 -1.74 3.88 20.81
CA ASP B 169 -1.32 3.28 22.08
C ASP B 169 -2.49 3.41 23.03
N MET B 170 -3.27 2.34 23.18
CA MET B 170 -4.44 2.34 24.04
C MET B 170 -4.05 1.81 25.42
N GLY B 171 -4.38 2.58 26.45
CA GLY B 171 -4.00 2.25 27.80
C GLY B 171 -2.51 2.34 28.01
N PRO B 172 -1.91 3.50 27.67
CA PRO B 172 -0.47 3.65 27.80
C PRO B 172 -0.03 3.66 29.26
N ARG B 173 1.27 3.47 29.46
CA ARG B 173 1.86 3.42 30.80
C ARG B 173 2.36 4.81 31.20
N GLY B 174 1.43 5.75 31.29
CA GLY B 174 1.75 7.10 31.67
C GLY B 174 0.69 8.07 31.17
N ASP B 175 0.99 9.35 31.38
CA ASP B 175 0.09 10.40 30.91
C ASP B 175 0.01 10.37 29.38
N ALA B 176 -1.22 10.41 28.85
CA ALA B 176 -1.42 10.17 27.43
C ALA B 176 -0.73 11.23 26.58
N THR B 177 -0.75 12.49 27.03
CA THR B 177 -0.17 13.57 26.22
C THR B 177 1.35 13.51 26.26
N GLU B 178 1.92 13.23 27.43
CA GLU B 178 3.37 13.05 27.52
C GLU B 178 3.82 11.84 26.72
N VAL B 179 3.04 10.75 26.77
CA VAL B 179 3.35 9.56 25.98
C VAL B 179 3.26 9.89 24.50
N LEU B 180 2.26 10.68 24.11
CA LEU B 180 2.11 11.03 22.70
C LEU B 180 3.29 11.83 22.20
N LYS B 181 3.73 12.83 22.98
CA LYS B 181 4.89 13.62 22.56
C LYS B 181 6.14 12.77 22.47
N ASN B 182 6.25 11.73 23.29
CA ASN B 182 7.39 10.84 23.21
C ASN B 182 7.40 10.06 21.90
N TYR B 183 6.22 9.56 21.48
CA TYR B 183 6.16 8.79 20.25
C TYR B 183 6.31 9.68 19.02
N ILE B 184 5.74 10.90 19.07
CA ILE B 184 5.97 11.84 17.99
C ILE B 184 7.47 12.06 17.80
N SER B 185 8.20 12.17 18.91
CA SER B 185 9.64 12.39 18.84
C SER B 185 10.35 11.19 18.21
N VAL B 186 9.92 9.97 18.55
CA VAL B 186 10.51 8.79 17.95
C VAL B 186 10.33 8.79 16.44
N VAL B 187 9.10 9.07 15.99
CA VAL B 187 8.83 9.07 14.55
C VAL B 187 9.63 10.15 13.85
N MET B 188 9.59 11.37 14.40
CA MET B 188 10.24 12.49 13.73
C MET B 188 11.75 12.28 13.64
N LYS B 189 12.36 11.76 14.70
CA LYS B 189 13.79 11.45 14.65
C LYS B 189 14.06 10.34 13.63
N ALA B 190 13.26 9.28 13.67
CA ALA B 190 13.44 8.19 12.71
C ALA B 190 13.24 8.66 11.28
N ALA B 191 12.39 9.66 11.07
CA ALA B 191 12.17 10.22 9.74
C ALA B 191 13.28 11.17 9.31
N GLY B 192 14.26 11.43 10.17
CA GLY B 192 15.31 12.38 9.83
C GLY B 192 14.90 13.83 9.92
N LEU B 193 13.86 14.13 10.69
CA LEU B 193 13.35 15.50 10.85
C LEU B 193 13.21 15.80 12.35
N PRO B 194 14.33 16.03 13.04
CA PRO B 194 14.27 16.22 14.49
C PRO B 194 13.82 17.61 14.93
N ASP B 195 13.81 18.59 14.04
CA ASP B 195 13.40 19.96 14.37
C ASP B 195 11.98 20.19 13.89
N TYR B 196 11.05 20.29 14.84
CA TYR B 196 9.65 20.50 14.52
C TYR B 196 8.99 21.24 15.68
N ASP B 197 7.74 21.64 15.46
CA ASP B 197 6.95 22.34 16.46
C ASP B 197 5.63 21.62 16.67
N LEU B 198 5.10 21.72 17.89
CA LEU B 198 3.80 21.19 18.24
C LEU B 198 2.82 22.34 18.39
N VAL B 199 1.64 22.22 17.81
CA VAL B 199 0.64 23.28 17.88
C VAL B 199 -0.73 22.66 18.10
N GLN B 200 -1.57 23.38 18.83
CA GLN B 200 -2.98 23.04 18.97
C GLN B 200 -3.74 23.64 17.79
N GLU B 201 -4.44 22.79 17.04
CA GLU B 201 -5.07 23.20 15.79
C GLU B 201 -6.52 22.76 15.77
N GLU B 202 -7.39 23.64 15.31
CA GLU B 202 -8.82 23.35 15.25
C GLU B 202 -9.12 22.25 14.23
N SER B 203 -10.20 21.53 14.47
CA SER B 203 -10.57 20.39 13.63
C SER B 203 -12.03 20.05 13.89
N ASP B 204 -12.80 19.90 12.80
CA ASP B 204 -14.22 19.55 12.96
C ASP B 204 -14.37 18.13 13.52
N VAL B 205 -13.57 17.19 13.04
CA VAL B 205 -13.71 15.81 13.49
C VAL B 205 -13.22 15.65 14.93
N PHE B 206 -12.20 16.41 15.34
CA PHE B 206 -11.60 16.26 16.65
C PHE B 206 -11.75 17.49 17.54
N LYS B 207 -12.48 18.52 17.10
CA LYS B 207 -12.54 19.79 17.81
C LYS B 207 -11.18 20.48 17.81
N GLU B 208 -10.19 19.83 18.43
CA GLU B 208 -8.81 20.31 18.43
C GLU B 208 -7.88 19.12 18.35
N THR B 209 -6.78 19.29 17.63
CA THR B 209 -5.74 18.28 17.51
C THR B 209 -4.42 18.86 17.99
N ILE B 210 -3.48 17.97 18.29
CA ILE B 210 -2.09 18.33 18.48
C ILE B 210 -1.39 18.05 17.16
N ASP B 211 -1.02 19.11 16.45
CA ASP B 211 -0.41 18.99 15.14
C ASP B 211 1.10 19.15 15.24
N VAL B 212 1.80 18.50 14.32
CA VAL B 212 3.25 18.68 14.15
C VAL B 212 3.45 19.55 12.92
N GLU B 213 4.22 20.61 13.07
CA GLU B 213 4.46 21.55 11.98
C GLU B 213 5.95 21.77 11.82
N ILE B 214 6.38 21.91 10.56
CA ILE B 214 7.73 22.32 10.21
C ILE B 214 7.58 23.53 9.29
N ASN B 215 8.02 24.69 9.75
CA ASN B 215 7.89 25.92 8.99
C ASN B 215 6.43 26.16 8.60
N GLY B 216 5.53 25.86 9.52
CA GLY B 216 4.11 26.07 9.31
C GLY B 216 3.41 25.02 8.49
N GLN B 217 4.10 23.99 8.02
CA GLN B 217 3.49 22.93 7.23
CA GLN B 217 3.48 22.94 7.24
C GLN B 217 3.10 21.76 8.13
N GLU B 218 1.83 21.39 8.07
CA GLU B 218 1.31 20.30 8.90
C GLU B 218 1.79 18.96 8.36
N VAL B 219 2.48 18.18 9.20
CA VAL B 219 2.91 16.84 8.86
C VAL B 219 2.26 15.78 9.75
N CYS B 220 1.43 16.19 10.71
CA CYS B 220 0.79 15.23 11.60
C CYS B 220 -0.34 15.93 12.34
N SER B 221 -1.41 15.19 12.59
CA SER B 221 -2.45 15.55 13.55
C SER B 221 -2.55 14.42 14.56
N ALA B 222 -2.56 14.77 15.85
CA ALA B 222 -2.58 13.78 16.91
C ALA B 222 -3.64 14.15 17.93
N ALA B 223 -3.91 13.21 18.84
CA ALA B 223 -4.93 13.39 19.86
C ALA B 223 -4.68 12.36 20.96
N VAL B 224 -5.31 12.59 22.11
CA VAL B 224 -5.19 11.72 23.26
C VAL B 224 -6.59 11.39 23.77
N GLY B 225 -6.70 10.24 24.43
CA GLY B 225 -7.90 9.87 25.13
C GLY B 225 -7.69 9.95 26.63
N PRO B 226 -8.77 9.87 27.42
CA PRO B 226 -10.18 9.68 27.04
C PRO B 226 -10.69 10.80 26.12
N HIS B 227 -11.27 10.39 24.99
CA HIS B 227 -11.68 11.30 23.93
C HIS B 227 -13.17 11.10 23.66
N TYR B 228 -13.82 12.15 23.16
CA TYR B 228 -15.27 12.09 23.00
C TYR B 228 -15.68 11.08 21.93
N LEU B 229 -14.77 10.68 21.05
CA LEU B 229 -15.04 9.67 20.04
C LEU B 229 -15.02 8.26 20.61
N ASP B 230 -14.61 8.10 21.88
CA ASP B 230 -14.40 6.76 22.42
C ASP B 230 -15.71 5.98 22.53
N ALA B 231 -16.79 6.66 22.94
CA ALA B 231 -18.07 5.96 23.13
C ALA B 231 -18.48 5.21 21.88
N ALA B 232 -18.40 5.88 20.71
CA ALA B 232 -18.79 5.23 19.47
C ALA B 232 -17.89 4.04 19.14
N HIS B 233 -16.67 4.02 19.65
CA HIS B 233 -15.73 2.94 19.39
C HIS B 233 -15.59 1.99 20.57
N ASP B 234 -16.42 2.15 21.60
CA ASP B 234 -16.41 1.26 22.76
C ASP B 234 -15.07 1.27 23.48
N VAL B 235 -14.39 2.42 23.45
CA VAL B 235 -13.12 2.62 24.14
C VAL B 235 -13.40 3.26 25.48
N HIS B 236 -12.73 2.77 26.52
CA HIS B 236 -13.00 3.20 27.90
C HIS B 236 -11.71 3.32 28.69
N GLU B 237 -10.67 3.83 28.05
CA GLU B 237 -9.36 4.00 28.68
C GLU B 237 -8.66 5.14 28.00
N PRO B 238 -7.57 5.65 28.58
CA PRO B 238 -6.78 6.66 27.88
C PRO B 238 -6.05 6.06 26.70
N TRP B 239 -5.58 6.93 25.81
CA TRP B 239 -4.84 6.47 24.65
C TRP B 239 -4.11 7.63 24.01
N SER B 240 -3.09 7.29 23.22
CA SER B 240 -2.31 8.25 22.45
C SER B 240 -2.32 7.82 21.00
N GLY B 241 -2.65 8.74 20.11
CA GLY B 241 -2.73 8.43 18.70
C GLY B 241 -2.26 9.60 17.86
N ALA B 242 -1.68 9.28 16.70
CA ALA B 242 -1.11 10.28 15.82
C ALA B 242 -1.13 9.79 14.39
N GLY B 243 -1.50 10.68 13.47
CA GLY B 243 -1.51 10.37 12.05
C GLY B 243 -0.58 11.29 11.26
N PHE B 244 0.49 10.73 10.70
CA PHE B 244 1.48 11.47 9.94
C PHE B 244 1.24 11.33 8.44
N GLY B 245 1.54 12.39 7.70
CA GLY B 245 1.57 12.34 6.25
C GLY B 245 2.97 12.06 5.74
N LEU B 246 3.20 10.84 5.23
CA LEU B 246 4.55 10.42 4.92
C LEU B 246 5.12 11.17 3.72
N GLU B 247 4.32 11.39 2.68
CA GLU B 247 4.79 12.19 1.56
C GLU B 247 5.24 13.57 2.04
N ARG B 248 4.50 14.17 2.98
CA ARG B 248 4.86 15.49 3.45
C ARG B 248 6.18 15.47 4.22
N LEU B 249 6.38 14.45 5.04
CA LEU B 249 7.67 14.29 5.72
C LEU B 249 8.80 14.16 4.70
N LEU B 250 8.63 13.25 3.73
CA LEU B 250 9.67 13.02 2.74
C LEU B 250 9.92 14.26 1.90
N THR B 251 8.85 14.94 1.49
CA THR B 251 8.99 16.16 0.69
C THR B 251 9.81 17.21 1.42
N ILE B 252 9.57 17.39 2.72
CA ILE B 252 10.26 18.42 3.48
C ILE B 252 11.72 18.03 3.69
N ARG B 253 11.97 16.77 4.02
CA ARG B 253 13.34 16.33 4.28
C ARG B 253 14.19 16.39 3.01
N GLU B 254 13.67 15.87 1.90
CA GLU B 254 14.41 15.85 0.64
C GLU B 254 14.38 17.20 -0.07
N LYS B 255 13.63 18.17 0.44
CA LYS B 255 13.52 19.49 -0.17
C LYS B 255 12.99 19.38 -1.60
N TYR B 256 12.00 18.52 -1.79
CA TYR B 256 11.29 18.45 -3.05
C TYR B 256 10.41 19.68 -3.20
N SER B 257 10.31 20.20 -4.41
CA SER B 257 9.55 21.40 -4.66
C SER B 257 8.05 21.19 -4.48
N THR B 258 7.58 19.94 -4.58
CA THR B 258 6.17 19.64 -4.43
C THR B 258 6.01 18.25 -3.85
N VAL B 259 4.84 18.01 -3.26
CA VAL B 259 4.55 16.73 -2.62
C VAL B 259 4.32 15.61 -3.61
N LYS B 260 4.12 15.92 -4.88
CA LYS B 260 3.87 14.93 -5.92
C LYS B 260 5.11 14.19 -6.39
N LYS B 261 6.30 14.53 -5.87
CA LYS B 261 7.54 13.99 -6.41
C LYS B 261 8.11 12.82 -5.62
N GLY B 262 7.74 12.67 -4.35
CA GLY B 262 8.36 11.66 -3.51
C GLY B 262 7.55 10.40 -3.33
N GLY B 263 6.26 10.44 -3.69
CA GLY B 263 5.38 9.30 -3.47
C GLY B 263 5.00 8.53 -4.70
N ALA B 264 3.74 8.12 -4.79
CA ALA B 264 3.27 7.30 -5.90
C ALA B 264 2.99 8.19 -7.11
N SER B 265 3.51 7.78 -8.27
CA SER B 265 3.44 8.62 -9.46
C SER B 265 3.84 7.81 -10.67
N ILE B 266 3.33 8.22 -11.83
CA ILE B 266 3.86 7.78 -13.11
C ILE B 266 4.53 8.92 -13.86
N SER B 267 4.70 10.07 -13.20
CA SER B 267 5.44 11.20 -13.74
C SER B 267 6.77 11.44 -13.03
N TYR B 268 6.88 11.09 -11.76
CA TYR B 268 8.09 11.26 -10.99
C TYR B 268 8.55 9.94 -10.39
N LEU B 269 9.84 9.88 -10.08
CA LEU B 269 10.42 8.73 -9.39
C LEU B 269 11.53 9.26 -8.50
N ASN B 270 11.30 9.23 -7.19
CA ASN B 270 12.30 9.65 -6.20
C ASN B 270 12.80 11.06 -6.48
N GLY B 271 11.86 11.96 -6.75
CA GLY B 271 12.18 13.35 -6.97
C GLY B 271 12.46 13.75 -8.41
N ALA B 272 12.70 12.77 -9.28
CA ALA B 272 13.04 13.04 -10.67
C ALA B 272 11.80 12.93 -11.55
N LYS B 273 11.67 13.88 -12.48
CA LYS B 273 10.66 13.78 -13.52
C LYS B 273 11.15 12.85 -14.61
N ILE B 274 10.36 11.83 -14.95
CA ILE B 274 10.82 10.76 -15.83
C ILE B 274 10.38 10.93 -17.28
N ASN B 275 9.49 11.87 -17.58
CA ASN B 275 9.05 12.10 -18.95
C ASN B 275 9.33 13.53 -19.39
PG ANP C . -7.58 -16.21 -10.58
O1G ANP C . -8.01 -17.14 -11.66
O2G ANP C . -8.72 -15.15 -10.29
O3G ANP C . -7.30 -17.01 -9.25
PB ANP C . -6.32 -14.17 -12.13
O1B ANP C . -5.86 -14.59 -13.49
O2B ANP C . -7.81 -13.72 -12.23
N3B ANP C . -6.15 -15.42 -11.03
PA ANP C . -4.29 -12.28 -12.46
O1A ANP C . -4.86 -11.29 -13.41
O2A ANP C . -3.44 -13.36 -13.13
O3A ANP C . -5.45 -12.98 -11.62
O5' ANP C . -3.46 -11.49 -11.36
C5' ANP C . -2.10 -11.82 -11.04
C4' ANP C . -2.03 -12.60 -9.75
O4' ANP C . -2.68 -11.85 -8.70
C3' ANP C . -2.74 -13.96 -9.75
O3' ANP C . -1.91 -14.98 -10.27
C2' ANP C . -3.03 -14.16 -8.26
O2' ANP C . -1.93 -14.73 -7.56
C1' ANP C . -3.30 -12.73 -7.78
N9 ANP C . -4.71 -12.39 -7.68
C8 ANP C . -5.58 -12.12 -8.69
N7 ANP C . -6.80 -11.83 -8.30
C5 ANP C . -6.72 -11.91 -6.91
C6 ANP C . -7.67 -11.73 -5.90
N6 ANP C . -8.95 -11.40 -6.12
N1 ANP C . -7.26 -11.90 -4.62
C2 ANP C . -5.99 -12.23 -4.38
N3 ANP C . -5.01 -12.43 -5.26
C4 ANP C . -5.44 -12.26 -6.52
HNB1 ANP C . -5.61 -16.05 -11.42
H5'1 ANP C . -1.59 -11.01 -10.95
H5'2 ANP C . -1.73 -12.37 -11.77
H4' ANP C . -1.11 -12.74 -9.48
H3' ANP C . -3.56 -13.88 -10.25
HO3' ANP C . -2.09 -15.10 -11.14
H2' ANP C . -3.84 -14.68 -8.16
HO2' ANP C . -1.70 -15.50 -7.93
H1' ANP C . -2.85 -12.64 -6.92
H8 ANP C . -5.32 -12.13 -9.62
HN61 ANP C . -9.31 -11.52 -6.96
HN62 ANP C . -9.46 -11.05 -5.45
H2 ANP C . -5.75 -12.34 -3.46
C1 PEG D . 3.43 -12.52 13.49
O1 PEG D . 3.69 -13.43 12.43
C2 PEG D . 4.31 -12.79 14.67
O2 PEG D . 3.53 -13.26 15.75
C3 PEG D . 4.30 -13.72 16.85
C4 PEG D . 4.58 -15.19 16.69
O4 PEG D . 3.48 -15.97 17.11
H11 PEG D . 2.51 -12.60 13.76
H12 PEG D . 3.60 -11.61 13.18
HO1 PEG D . 3.10 -13.41 11.81
H21 PEG D . 4.78 -11.98 14.93
H22 PEG D . 4.96 -13.48 14.43
H31 PEG D . 3.81 -13.58 17.67
H32 PEG D . 5.14 -13.23 16.89
H41 PEG D . 5.36 -15.42 17.21
H42 PEG D . 4.76 -15.36 15.75
HO4 PEG D . 2.77 -15.53 17.26
C1 PGE E . -4.94 -20.31 15.03
O1 PGE E . -5.56 -21.24 14.16
C2 PGE E . -4.45 -19.10 14.26
O2 PGE E . -3.04 -19.04 14.29
C3 PGE E . -2.37 -20.10 13.63
C4 PGE E . -1.51 -19.55 12.51
O4 PGE E . -0.58 -23.77 11.05
C6 PGE E . -0.42 -22.46 10.51
C5 PGE E . -1.41 -21.53 11.21
O3 PGE E . -0.70 -20.59 11.99
H1 PGE E . -4.08 -20.75 15.56
H12 PGE E . -5.65 -19.96 15.80
HO1 PGE E . -5.11 -21.19 13.30
H2 PGE E . -4.89 -18.19 14.70
H22 PGE E . -4.81 -19.17 13.21
H3 PGE E . -3.10 -20.82 13.20
H32 PGE E . -1.74 -20.66 14.34
H4 PGE E . -0.89 -18.73 12.91
H42 PGE E . -2.16 -19.13 11.73
HO4 PGE E . -1.47 -24.08 10.82
H6 PGE E . -0.63 -22.44 9.44
H62 PGE E . 0.59 -22.07 10.68
H5 PGE E . -2.09 -22.14 11.83
H52 PGE E . -2.02 -21.03 10.44
C1 EDO F . 3.36 -8.54 -31.25
O1 EDO F . 3.14 -9.78 -31.92
C2 EDO F . 4.36 -7.70 -32.05
O2 EDO F . 4.58 -6.45 -31.38
H11 EDO F . 3.74 -8.71 -30.25
H12 EDO F . 2.42 -7.99 -31.17
HO1 EDO F . 2.50 -10.31 -31.41
H21 EDO F . 3.98 -7.52 -33.05
H22 EDO F . 5.30 -8.24 -32.14
HO2 EDO F . 5.20 -5.92 -31.89
C1 PGE G . -1.14 -9.28 -14.20
O1 PGE G . -1.35 -9.44 -12.80
C2 PGE G . 0.14 -10.00 -14.57
O2 PGE G . 0.50 -9.66 -15.90
C3 PGE G . 1.31 -8.51 -16.02
C4 PGE G . 2.55 -8.89 -16.81
O4 PGE G . 5.32 -6.11 -16.06
C6 PGE G . 4.36 -5.68 -17.02
C5 PGE G . 3.13 -6.56 -16.92
O3 PGE G . 3.55 -7.89 -16.66
H1 PGE G . -1.03 -8.22 -14.48
H12 PGE G . -1.96 -9.71 -14.79
HO1 PGE G . -0.60 -9.92 -12.44
H2 PGE G . -0.02 -11.09 -14.47
H22 PGE G . 0.94 -9.70 -13.87
H3 PGE G . 1.62 -8.13 -15.03
H32 PGE G . 0.78 -7.70 -16.55
H4 PGE G . 2.28 -8.99 -17.88
H42 PGE G . 2.92 -9.87 -16.46
HO4 PGE G . 6.02 -6.57 -16.53
H6 PGE G . 4.76 -5.75 -18.05
H62 PGE G . 4.05 -4.63 -16.85
H5 PGE G . 2.57 -6.51 -17.87
H52 PGE G . 2.48 -6.18 -16.12
C1 PEG H . 6.18 -23.14 -20.15
O1 PEG H . 6.66 -21.98 -20.81
C2 PEG H . 6.59 -23.14 -18.71
O2 PEG H . 6.86 -24.48 -18.30
C3 PEG H . 8.22 -24.87 -18.52
C4 PEG H . 9.02 -24.61 -17.29
O4 PEG H . 10.41 -24.64 -17.56
H11 PEG H . 6.53 -23.93 -20.58
H12 PEG H . 5.21 -23.15 -20.20
HO1 PEG H . 6.73 -21.30 -20.32
H21 PEG H . 5.88 -22.78 -18.17
H22 PEG H . 7.38 -22.60 -18.59
H31 PEG H . 8.58 -24.35 -19.26
H32 PEG H . 8.24 -25.81 -18.73
H41 PEG H . 8.81 -25.27 -16.62
H42 PEG H . 8.79 -23.72 -16.94
HO4 PEG H . 10.91 -24.58 -16.87
C1 PEG I . 7.19 -2.74 2.19
O1 PEG I . 7.06 -2.54 0.79
C2 PEG I . 7.14 -1.44 2.93
O2 PEG I . 6.14 -1.51 3.93
C3 PEG I . 6.24 -0.45 4.89
C4 PEG I . 5.05 -0.48 5.80
O4 PEG I . 5.40 -0.91 7.11
H11 PEG I . 8.04 -3.18 2.37
H12 PEG I . 6.46 -3.30 2.50
HO1 PEG I . 7.20 -3.24 0.33
H21 PEG I . 6.94 -0.72 2.32
H22 PEG I . 8.01 -1.28 3.35
H31 PEG I . 6.27 0.40 4.43
H32 PEG I . 7.05 -0.57 5.40
H41 PEG I . 4.39 -1.09 5.44
H42 PEG I . 4.67 0.41 5.85
HO4 PEG I . 5.41 -0.28 7.68
C1 PEG J . -18.42 5.08 -10.23
O1 PEG J . -19.52 5.24 -11.10
C2 PEG J . -18.61 5.82 -8.95
O2 PEG J . -19.41 5.06 -8.07
C3 PEG J . -20.01 5.84 -7.03
C4 PEG J . -20.49 4.95 -5.95
O4 PEG J . -21.50 5.58 -5.18
H11 PEG J . -17.62 5.41 -10.67
H12 PEG J . -18.31 4.13 -10.03
HO1 PEG J . -19.34 5.17 -11.92
H21 PEG J . -19.04 6.67 -9.13
H22 PEG J . -17.74 5.99 -8.54
H31 PEG J . -20.75 6.35 -7.41
H32 PEG J . -19.35 6.46 -6.67
H41 PEG J . -19.76 4.71 -5.37
H42 PEG J . -20.87 4.14 -6.34
HO4 PEG J . -21.68 5.16 -4.45
MG MG K . -9.53 -13.66 -11.33
MG MG L . -3.77 -15.10 -13.80
MG MG M . -6.72 -18.77 -12.45
MG MG N . -0.08 -6.58 -12.48
MG MG O . 18.16 -8.56 -17.87
C1 PEG P . 23.76 6.99 -21.41
O1 PEG P . 24.72 6.58 -22.37
C2 PEG P . 22.38 7.00 -22.00
O2 PEG P . 22.37 7.81 -23.16
C3 PEG P . 22.01 9.17 -22.89
C4 PEG P . 20.53 9.31 -22.96
O4 PEG P . 20.11 10.59 -22.50
H11 PEG P . 23.98 7.88 -21.10
H12 PEG P . 23.78 6.37 -20.66
HO1 PEG P . 24.94 7.19 -22.93
H21 PEG P . 21.76 7.35 -21.35
H22 PEG P . 22.13 6.09 -22.24
H31 PEG P . 22.42 9.75 -23.56
H32 PEG P . 22.32 9.40 -22.01
H41 PEG P . 20.11 8.63 -22.41
H42 PEG P . 20.23 9.20 -23.87
HO4 PEG P . 20.73 11.17 -22.47
PG ANP Q . -4.59 19.77 5.86
O1G ANP Q . -5.07 20.89 6.72
O2G ANP Q . -5.67 19.44 4.76
O3G ANP Q . -3.25 20.18 5.14
PB ANP Q . -5.60 17.63 7.46
O1B ANP Q . -5.87 18.13 8.85
O2B ANP Q . -6.88 17.81 6.60
N3B ANP Q . -4.27 18.41 6.81
PA ANP Q . -5.44 15.16 8.73
O1A ANP Q . -6.86 14.74 8.82
O2A ANP Q . -4.88 15.82 9.99
O3A ANP Q . -5.21 16.12 7.50
O5' ANP Q . -4.58 13.88 8.34
C5' ANP Q . -3.36 13.55 9.04
C4' ANP Q . -2.16 13.98 8.23
O4' ANP Q . -2.28 13.46 6.88
C3' ANP Q . -1.98 15.48 8.03
O3' ANP Q . -1.35 16.08 9.16
C2' ANP Q . -1.12 15.55 6.77
O2' ANP Q . 0.26 15.44 7.06
C1' ANP Q . -1.59 14.32 5.98
N9 ANP Q . -2.50 14.63 4.87
C8 ANP Q . -3.83 14.95 4.95
N7 ANP Q . -4.39 15.17 3.79
C5 ANP Q . -3.36 14.98 2.88
C6 ANP Q . -3.31 15.06 1.47
N6 ANP Q . -4.35 15.37 0.72
N1 ANP Q . -2.12 14.80 0.88
C2 ANP Q . -1.07 14.49 1.65
N3 ANP Q . -1.00 14.38 2.98
C4 ANP Q . -2.18 14.64 3.54
HNB1 ANP Q . -3.75 18.69 7.51
H5'1 ANP Q . -3.32 12.59 9.19
H5'2 ANP Q . -3.35 14.01 9.89
H4' ANP Q . -1.35 13.62 8.62
H3' ANP Q . -2.84 15.88 7.88
HO3' ANP Q . -0.62 15.61 9.37
H2' ANP Q . -1.34 16.35 6.27
HO2' ANP Q . 0.47 16.01 7.69
H1' ANP Q . -0.80 13.86 5.66
H8 ANP Q . -4.30 15.01 5.78
HN61 ANP Q . -5.17 14.98 0.87
HN62 ANP Q . -4.26 15.98 0.03
H2 ANP Q . -0.24 14.32 1.17
C1 EDO R . -17.92 10.81 25.24
O1 EDO R . -19.34 10.71 25.37
C2 EDO R . -17.37 9.49 24.70
O2 EDO R . -15.95 9.56 24.56
H11 EDO R . -17.47 11.03 26.20
H12 EDO R . -17.68 11.63 24.56
HO1 EDO R . -19.69 11.53 25.74
H21 EDO R . -17.82 9.28 23.73
H22 EDO R . -17.64 8.69 25.38
HO2 EDO R . -15.63 8.79 24.06
C1 PEG S . 10.14 6.24 24.74
O1 PEG S . 10.78 7.49 24.53
C2 PEG S . 8.68 6.32 24.43
O2 PEG S . 7.98 6.82 25.55
C3 PEG S . 6.75 6.14 25.80
C4 PEG S . 6.19 6.58 27.12
O4 PEG S . 5.19 5.69 27.57
H11 PEG S . 10.26 5.99 25.68
H12 PEG S . 10.56 5.57 24.19
HO1 PEG S . 11.59 7.51 24.78
H21 PEG S . 8.36 5.43 24.21
H22 PEG S . 8.55 6.90 23.67
H31 PEG S . 6.91 5.19 25.80
H32 PEG S . 6.12 6.36 25.09
H41 PEG S . 5.81 7.47 27.01
H42 PEG S . 6.91 6.61 27.77
HO4 PEG S . 4.87 5.19 26.96
C1 EDO T . 4.18 34.49 -18.13
O1 EDO T . 3.28 34.25 -17.03
C2 EDO T . 5.17 33.35 -18.26
O2 EDO T . 5.78 33.37 -19.55
H11 EDO T . 4.71 35.42 -17.97
H12 EDO T . 3.60 34.58 -19.05
HO1 EDO T . 2.63 34.96 -16.98
H21 EDO T . 4.66 32.39 -18.11
H22 EDO T . 5.93 33.43 -17.49
HO2 EDO T . 6.41 32.64 -19.63
C1 PEG U . -23.50 6.96 -1.37
O1 PEG U . -22.97 7.82 -2.37
C2 PEG U . -23.59 7.68 -0.05
O2 PEG U . -24.26 6.84 0.89
C3 PEG U . -25.67 7.05 0.92
C4 PEG U . -25.98 8.22 1.79
O4 PEG U . -26.47 9.31 1.03
H11 PEG U . -22.93 6.19 -1.27
H12 PEG U . -24.39 6.67 -1.63
HO1 PEG U . -23.04 7.50 -3.16
H21 PEG U . -24.09 8.50 -0.16
H22 PEG U . -22.70 7.87 0.27
H31 PEG U . -26.10 6.25 1.28
H32 PEG U . -25.99 7.22 0.02
H41 PEG U . -25.19 8.49 2.26
H42 PEG U . -26.66 7.96 2.44
HO4 PEG U . -25.97 9.54 0.39
C1 EDO V . 16.21 7.41 -4.26
O1 EDO V . 17.62 7.16 -4.13
C2 EDO V . 15.73 8.24 -3.08
O2 EDO V . 16.24 9.57 -3.20
H11 EDO V . 15.68 6.46 -4.28
H12 EDO V . 16.02 7.93 -5.20
HO1 EDO V . 17.93 6.64 -4.89
H21 EDO V . 16.06 7.79 -2.15
H22 EDO V . 14.64 8.26 -3.08
HO2 EDO V . 15.93 10.10 -2.45
C1 PGE W . -6.29 12.39 11.99
O1 PGE W . -6.32 11.38 11.00
C2 PGE W . -5.13 12.12 12.91
O2 PGE W . -5.61 11.69 14.18
C3 PGE W . -5.24 10.38 14.51
C4 PGE W . -6.07 9.92 15.69
O4 PGE W . -4.60 6.43 16.68
C6 PGE W . -6.00 6.31 16.48
C5 PGE W . -6.52 7.60 15.85
O3 PGE W . -5.61 8.65 16.12
H1 PGE W . -7.21 12.42 12.59
H12 PGE W . -6.15 13.39 11.54
HO1 PGE W . -6.54 10.55 11.45
H2 PGE W . -4.52 13.04 13.02
H22 PGE W . -4.47 11.35 12.47
H3 PGE W . -4.17 10.33 14.79
H32 PGE W . -5.39 9.68 13.67
H4 PGE W . -7.13 9.86 15.39
H42 PGE W . -5.99 10.66 16.51
HO4 PGE W . -4.31 7.27 16.30
H6 PGE W . -6.54 6.14 17.42
H62 PGE W . -6.23 5.48 15.79
H5 PGE W . -7.51 7.82 16.28
H52 PGE W . -6.64 7.45 14.77
MG MG X . -7.35 18.51 4.75
MG MG Y . -4.87 17.68 10.55
MG MG Z . -3.94 21.91 8.20
MG MG AA . 16.40 2.00 6.61
MG MG BA . 10.53 28.29 -5.72
MG MG CA . -5.63 8.54 10.57
#